data_8BQ7
#
_entry.id   8BQ7
#
_cell.length_a   80.733
_cell.length_b   82.095
_cell.length_c   169.487
_cell.angle_alpha   90.000
_cell.angle_beta   90.000
_cell.angle_gamma   90.000
#
_symmetry.space_group_name_H-M   'P 21 21 21'
#
loop_
_entity.id
_entity.type
_entity.pdbx_description
1 polymer 'N-glycosylase/DNA lyase'
2 non-polymer ~{N}4-cyclohexyl-2~{H}-pyrazolo[3,4-d]pyrimidine-4,6-diamine
3 non-polymer 'NICKEL (II) ION'
4 non-polymer GLYCEROL
5 water water
#
_entity_poly.entity_id   1
_entity_poly.type   'polypeptide(L)'
_entity_poly.pdbx_seq_one_letter_code
;GSHMRHRTLSSSPALWASIPCPRSELRLDLVLASGQSFRWKEQSPAHWSGVLADQVWTLTQTEDQLYCTVYRGDDSQVSR
PTLEELETLHKYFQLDVSLAQLYSHWASVDSHFQRVAQKFQGVRLLRQDPTECLFSFICSSNNNIARITGMVERLCQAFG
PRLIQLDDVTYHGFPNLHALAGPEAETHLRKLGLGYRARYVRASAKAILEEQGGPAWLQQLRVAPYEEAHKALCTLPGVG
AKVADCICLMALDKPQAVPVDVHVWQIAHRDYGWHPKTSQAKGPSPLANKELGNFFRNLWGPYAGWAQAVLFSADLRQ
;
_entity_poly.pdbx_strand_id   A,B,C
#
loop_
_chem_comp.id
_chem_comp.type
_chem_comp.name
_chem_comp.formula
GOL non-polymer GLYCEROL 'C3 H8 O3'
NI non-polymer 'NICKEL (II) ION' 'Ni 2'
R4U non-polymer ~{N}4-cyclohexyl-2~{H}-pyrazolo[3,4-d]pyrimidine-4,6-diamine 'C11 H16 N6'
#
# COMPACT_ATOMS: atom_id res chain seq x y z
N HIS A 3 -39.98 20.58 14.54
CA HIS A 3 -40.70 21.54 13.66
C HIS A 3 -40.20 21.40 12.22
N MET A 4 -38.86 21.39 12.06
CA MET A 4 -38.22 21.25 10.77
C MET A 4 -37.31 20.03 10.79
N ARG A 5 -37.34 19.25 9.70
CA ARG A 5 -36.61 17.99 9.63
C ARG A 5 -35.74 17.95 8.37
N HIS A 6 -34.75 17.06 8.37
CA HIS A 6 -33.89 16.84 7.22
C HIS A 6 -34.68 16.14 6.11
N ARG A 7 -34.64 16.73 4.91
CA ARG A 7 -35.38 16.21 3.78
C ARG A 7 -34.63 15.03 3.17
N THR A 8 -35.39 14.11 2.56
CA THR A 8 -34.85 13.08 1.69
C THR A 8 -35.56 13.18 0.34
N LEU A 9 -35.02 12.46 -0.66
CA LEU A 9 -35.56 12.50 -2.01
C LEU A 9 -36.87 11.72 -2.07
N SER A 10 -37.02 10.73 -1.17
CA SER A 10 -38.23 9.95 -1.06
C SER A 10 -39.31 10.73 -0.31
N SER A 11 -38.92 11.43 0.76
CA SER A 11 -39.85 12.09 1.66
C SER A 11 -40.61 13.20 0.94
N SER A 12 -39.88 14.22 0.48
CA SER A 12 -40.48 15.40 -0.10
C SER A 12 -39.79 15.76 -1.42
N PRO A 13 -40.00 14.95 -2.49
CA PRO A 13 -39.35 15.19 -3.78
C PRO A 13 -39.84 16.42 -4.56
N ALA A 14 -40.89 17.07 -4.04
CA ALA A 14 -41.46 18.25 -4.67
C ALA A 14 -40.51 19.44 -4.55
N LEU A 15 -39.72 19.48 -3.47
CA LEU A 15 -38.91 20.64 -3.15
C LEU A 15 -37.47 20.48 -3.65
N TRP A 16 -37.20 19.43 -4.44
CA TRP A 16 -35.88 19.21 -4.99
C TRP A 16 -35.79 19.73 -6.42
N ALA A 17 -34.55 19.88 -6.91
CA ALA A 17 -34.26 20.20 -8.29
C ALA A 17 -32.97 19.51 -8.69
N SER A 18 -32.86 19.14 -9.97
CA SER A 18 -31.73 18.34 -10.44
C SER A 18 -30.77 19.20 -11.24
N ILE A 19 -29.51 18.75 -11.29
CA ILE A 19 -28.51 19.29 -12.20
C ILE A 19 -27.88 18.10 -12.93
N PRO A 20 -27.86 18.09 -14.28
CA PRO A 20 -27.29 16.96 -15.03
C PRO A 20 -25.79 16.84 -14.74
N CYS A 21 -25.42 15.80 -13.99
CA CYS A 21 -24.07 15.64 -13.48
C CYS A 21 -23.72 14.16 -13.37
N PRO A 22 -22.86 13.62 -14.28
CA PRO A 22 -22.43 12.23 -14.19
C PRO A 22 -21.68 11.89 -12.90
N ARG A 23 -21.63 10.60 -12.57
CA ARG A 23 -20.94 10.10 -11.39
C ARG A 23 -19.44 10.29 -11.54
N SER A 24 -18.95 10.22 -12.80
CA SER A 24 -17.54 10.32 -13.11
C SER A 24 -17.06 11.77 -13.04
N GLU A 25 -18.01 12.72 -13.04
CA GLU A 25 -17.69 14.14 -12.90
C GLU A 25 -17.70 14.54 -11.43
N LEU A 26 -18.51 13.87 -10.61
CA LEU A 26 -18.66 14.24 -9.21
C LEU A 26 -19.13 13.05 -8.38
N ARG A 27 -18.44 12.81 -7.27
CA ARG A 27 -18.90 11.91 -6.23
C ARG A 27 -18.92 12.67 -4.90
N LEU A 28 -20.14 12.95 -4.40
CA LEU A 28 -20.33 13.71 -3.17
C LEU A 28 -19.52 13.14 -2.02
N ASP A 29 -19.46 11.80 -1.95
CA ASP A 29 -18.87 11.12 -0.81
C ASP A 29 -17.34 11.12 -0.86
N LEU A 30 -16.76 11.50 -2.00
CA LEU A 30 -15.32 11.61 -2.15
C LEU A 30 -14.86 13.06 -2.06
N VAL A 31 -15.80 13.99 -1.92
CA VAL A 31 -15.52 15.42 -2.08
C VAL A 31 -15.89 16.16 -0.80
N LEU A 32 -17.15 16.00 -0.35
CA LEU A 32 -17.73 16.88 0.66
C LEU A 32 -17.08 16.69 2.03
N ALA A 33 -16.53 15.51 2.31
CA ALA A 33 -15.86 15.27 3.58
C ALA A 33 -14.48 14.63 3.33
N SER A 34 -13.70 15.24 2.42
CA SER A 34 -12.38 14.74 2.07
C SER A 34 -11.32 15.82 2.30
N GLY A 35 -11.56 16.69 3.29
CA GLY A 35 -10.56 17.65 3.73
C GLY A 35 -10.55 18.94 2.90
N GLN A 36 -11.63 19.19 2.16
CA GLN A 36 -11.77 20.44 1.41
C GLN A 36 -12.67 21.39 2.21
N SER A 37 -13.93 21.00 2.38
CA SER A 37 -14.86 21.71 3.24
C SER A 37 -15.10 20.87 4.49
N PHE A 38 -15.44 21.55 5.60
CA PHE A 38 -15.66 20.91 6.89
C PHE A 38 -17.09 21.18 7.37
N ARG A 39 -17.99 21.47 6.42
CA ARG A 39 -19.32 21.98 6.73
C ARG A 39 -20.40 21.02 6.24
N TRP A 40 -20.00 19.84 5.72
CA TRP A 40 -20.93 18.88 5.14
C TRP A 40 -20.96 17.62 6.00
N LYS A 41 -22.17 17.13 6.27
CA LYS A 41 -22.37 15.91 7.05
C LYS A 41 -23.45 15.05 6.39
N GLU A 42 -23.17 13.75 6.29
CA GLU A 42 -24.12 12.78 5.76
C GLU A 42 -25.12 12.45 6.86
N GLN A 43 -26.14 13.32 7.02
CA GLN A 43 -27.07 13.24 8.13
C GLN A 43 -27.96 12.00 7.97
N SER A 44 -28.39 11.73 6.73
CA SER A 44 -29.03 10.47 6.38
C SER A 44 -28.30 9.85 5.19
N PRO A 45 -28.32 8.49 5.04
CA PRO A 45 -27.56 7.82 3.99
C PRO A 45 -27.70 8.45 2.59
N ALA A 46 -26.56 8.85 2.03
CA ALA A 46 -26.46 9.36 0.67
C ALA A 46 -27.05 10.77 0.55
N HIS A 47 -27.25 11.43 1.69
CA HIS A 47 -27.80 12.78 1.73
C HIS A 47 -26.88 13.67 2.57
N TRP A 48 -26.20 14.60 1.89
CA TRP A 48 -25.22 15.46 2.54
C TRP A 48 -25.82 16.84 2.77
N SER A 49 -25.95 17.21 4.05
CA SER A 49 -26.47 18.51 4.43
C SER A 49 -25.33 19.40 4.91
N GLY A 50 -25.44 20.70 4.60
CA GLY A 50 -24.42 21.67 4.97
C GLY A 50 -24.88 23.09 4.63
N VAL A 51 -24.10 24.08 5.10
CA VAL A 51 -24.44 25.48 4.91
C VAL A 51 -23.50 26.08 3.87
N LEU A 52 -24.08 26.91 3.00
CA LEU A 52 -23.38 27.46 1.85
C LEU A 52 -23.96 28.83 1.53
N ALA A 53 -23.18 29.88 1.84
CA ALA A 53 -23.56 31.27 1.57
C ALA A 53 -24.78 31.67 2.40
N ASP A 54 -24.70 31.40 3.71
CA ASP A 54 -25.75 31.75 4.66
C ASP A 54 -27.08 31.12 4.23
N GLN A 55 -27.02 29.90 3.67
CA GLN A 55 -28.19 29.09 3.38
C GLN A 55 -27.80 27.63 3.58
N VAL A 56 -28.81 26.79 3.89
CA VAL A 56 -28.58 25.38 4.12
C VAL A 56 -29.02 24.60 2.87
N TRP A 57 -28.23 23.58 2.52
CA TRP A 57 -28.51 22.72 1.38
C TRP A 57 -28.53 21.26 1.83
N THR A 58 -29.25 20.43 1.07
CA THR A 58 -29.10 18.99 1.13
C THR A 58 -28.87 18.48 -0.29
N LEU A 59 -27.82 17.67 -0.45
CA LEU A 59 -27.37 17.20 -1.76
C LEU A 59 -27.40 15.68 -1.79
N THR A 60 -27.96 15.13 -2.87
CA THR A 60 -27.90 13.71 -3.18
C THR A 60 -27.83 13.54 -4.70
N GLN A 61 -27.30 12.40 -5.15
CA GLN A 61 -27.08 12.17 -6.57
C GLN A 61 -27.44 10.74 -6.94
N THR A 62 -27.57 10.50 -8.25
CA THR A 62 -27.79 9.17 -8.79
C THR A 62 -26.58 8.82 -9.66
N GLU A 63 -26.82 8.17 -10.82
CA GLU A 63 -25.76 7.82 -11.74
C GLU A 63 -25.45 9.00 -12.66
N ASP A 64 -26.49 9.75 -13.06
CA ASP A 64 -26.34 10.78 -14.07
C ASP A 64 -26.91 12.12 -13.60
N GLN A 65 -27.48 12.19 -12.39
CA GLN A 65 -28.16 13.39 -11.93
C GLN A 65 -27.69 13.75 -10.51
N LEU A 66 -27.59 15.07 -10.25
CA LEU A 66 -27.32 15.60 -8.93
C LEU A 66 -28.57 16.34 -8.44
N TYR A 67 -29.16 15.84 -7.35
CA TYR A 67 -30.37 16.40 -6.77
C TYR A 67 -30.03 17.29 -5.59
N CYS A 68 -30.76 18.41 -5.46
CA CYS A 68 -30.46 19.39 -4.42
C CYS A 68 -31.74 20.11 -3.98
N THR A 69 -31.83 20.37 -2.67
CA THR A 69 -32.92 21.15 -2.09
C THR A 69 -32.32 22.18 -1.13
N VAL A 70 -33.10 23.22 -0.82
CA VAL A 70 -32.62 24.36 -0.05
C VAL A 70 -33.55 24.62 1.12
N TYR A 71 -32.98 25.20 2.19
CA TYR A 71 -33.76 25.73 3.31
C TYR A 71 -33.36 27.19 3.52
N ARG A 72 -34.30 28.11 3.24
CA ARG A 72 -34.05 29.53 3.45
C ARG A 72 -34.03 29.82 4.94
N GLY A 73 -35.14 29.52 5.62
CA GLY A 73 -35.26 29.68 7.06
C GLY A 73 -35.44 31.14 7.46
N ASP A 74 -36.51 31.76 6.94
CA ASP A 74 -36.89 33.11 7.32
C ASP A 74 -38.38 33.17 7.62
N ASP A 75 -38.94 32.02 8.04
CA ASP A 75 -40.37 31.88 8.27
C ASP A 75 -41.13 32.26 6.99
N SER A 76 -40.73 31.65 5.87
CA SER A 76 -41.27 31.97 4.56
C SER A 76 -41.74 30.69 3.86
N GLN A 77 -42.49 30.86 2.77
CA GLN A 77 -43.06 29.74 2.03
C GLN A 77 -41.95 28.97 1.32
N VAL A 78 -41.92 27.65 1.53
CA VAL A 78 -40.89 26.78 0.99
C VAL A 78 -41.12 26.59 -0.51
N SER A 79 -40.04 26.25 -1.22
CA SER A 79 -40.09 26.03 -2.66
C SER A 79 -38.84 25.29 -3.11
N ARG A 80 -38.75 25.03 -4.43
CA ARG A 80 -37.57 24.42 -5.02
C ARG A 80 -36.45 25.46 -5.13
N PRO A 81 -35.19 25.04 -5.37
CA PRO A 81 -34.10 25.97 -5.64
C PRO A 81 -34.35 26.80 -6.90
N THR A 82 -34.04 28.10 -6.82
CA THR A 82 -34.24 29.00 -7.94
C THR A 82 -33.14 28.77 -8.98
N LEU A 83 -33.19 29.54 -10.07
CA LEU A 83 -32.17 29.46 -11.12
C LEU A 83 -30.83 29.95 -10.58
N GLU A 84 -30.86 31.05 -9.81
CA GLU A 84 -29.67 31.69 -9.30
C GLU A 84 -29.01 30.84 -8.22
N GLU A 85 -29.83 30.11 -7.45
CA GLU A 85 -29.33 29.23 -6.41
C GLU A 85 -28.65 28.00 -7.03
N LEU A 86 -29.13 27.59 -8.21
CA LEU A 86 -28.53 26.48 -8.94
C LEU A 86 -27.22 26.92 -9.60
N GLU A 87 -27.11 28.20 -9.97
CA GLU A 87 -25.88 28.75 -10.51
C GLU A 87 -24.79 28.74 -9.43
N THR A 88 -25.18 29.04 -8.20
CA THR A 88 -24.27 29.06 -7.05
C THR A 88 -23.67 27.68 -6.84
N LEU A 89 -24.49 26.64 -7.00
CA LEU A 89 -24.06 25.27 -6.80
C LEU A 89 -23.23 24.79 -7.98
N HIS A 90 -23.55 25.31 -9.18
CA HIS A 90 -22.80 25.00 -10.39
C HIS A 90 -21.38 25.54 -10.27
N LYS A 91 -21.26 26.78 -9.79
CA LYS A 91 -19.98 27.43 -9.58
C LYS A 91 -19.21 26.74 -8.44
N TYR A 92 -19.94 26.35 -7.39
CA TYR A 92 -19.35 25.74 -6.20
C TYR A 92 -18.59 24.46 -6.57
N PHE A 93 -19.17 23.67 -7.47
CA PHE A 93 -18.56 22.42 -7.91
C PHE A 93 -17.73 22.63 -9.17
N GLN A 94 -17.73 23.85 -9.71
CA GLN A 94 -16.92 24.21 -10.87
C GLN A 94 -17.20 23.21 -12.00
N LEU A 95 -18.49 23.08 -12.37
CA LEU A 95 -18.95 22.02 -13.25
C LEU A 95 -18.72 22.36 -14.72
N ASP A 96 -18.26 23.58 -15.02
CA ASP A 96 -17.92 23.97 -16.38
C ASP A 96 -16.62 23.28 -16.80
N VAL A 97 -15.80 22.87 -15.83
CA VAL A 97 -14.55 22.18 -16.10
C VAL A 97 -14.83 20.67 -16.19
N SER A 98 -14.44 20.08 -17.32
CA SER A 98 -14.53 18.63 -17.50
C SER A 98 -13.44 17.95 -16.69
N LEU A 99 -13.86 17.04 -15.80
CA LEU A 99 -12.93 16.30 -14.95
C LEU A 99 -12.46 15.04 -15.67
N ALA A 100 -13.30 14.51 -16.57
CA ALA A 100 -12.97 13.31 -17.33
C ALA A 100 -11.77 13.57 -18.23
N GLN A 101 -11.74 14.74 -18.88
CA GLN A 101 -10.66 15.11 -19.78
C GLN A 101 -9.39 15.37 -18.97
N LEU A 102 -9.53 15.95 -17.76
CA LEU A 102 -8.41 16.19 -16.88
C LEU A 102 -7.83 14.87 -16.38
N TYR A 103 -8.71 13.95 -15.96
CA TYR A 103 -8.28 12.63 -15.51
C TYR A 103 -7.40 11.96 -16.55
N SER A 104 -7.87 11.91 -17.80
CA SER A 104 -7.16 11.25 -18.88
C SER A 104 -5.86 12.00 -19.20
N HIS A 105 -5.88 13.33 -19.07
CA HIS A 105 -4.69 14.14 -19.31
C HIS A 105 -3.58 13.76 -18.32
N TRP A 106 -3.92 13.74 -17.03
CA TRP A 106 -2.97 13.38 -15.98
C TRP A 106 -2.52 11.93 -16.16
N ALA A 107 -3.46 11.06 -16.56
CA ALA A 107 -3.22 9.64 -16.70
C ALA A 107 -2.17 9.35 -17.76
N SER A 108 -2.07 10.22 -18.79
CA SER A 108 -1.17 9.99 -19.91
C SER A 108 0.29 10.10 -19.47
N VAL A 109 0.57 10.91 -18.45
CA VAL A 109 1.94 11.17 -18.02
C VAL A 109 2.18 10.64 -16.60
N ASP A 110 1.25 9.81 -16.10
CA ASP A 110 1.40 9.27 -14.75
C ASP A 110 0.68 7.92 -14.68
N SER A 111 1.49 6.84 -14.58
CA SER A 111 0.99 5.49 -14.54
C SER A 111 0.38 5.19 -13.16
N HIS A 112 0.90 5.84 -12.12
CA HIS A 112 0.38 5.67 -10.77
C HIS A 112 -1.02 6.25 -10.68
N PHE A 113 -1.21 7.45 -11.22
CA PHE A 113 -2.51 8.11 -11.21
C PHE A 113 -3.53 7.26 -11.98
N GLN A 114 -3.07 6.65 -13.08
CA GLN A 114 -3.91 5.81 -13.93
C GLN A 114 -4.62 4.76 -13.08
N ARG A 115 -3.87 4.08 -12.21
CA ARG A 115 -4.38 2.97 -11.42
C ARG A 115 -5.36 3.46 -10.35
N VAL A 116 -5.03 4.59 -9.71
CA VAL A 116 -5.84 5.15 -8.63
C VAL A 116 -7.10 5.78 -9.20
N ALA A 117 -7.02 6.27 -10.45
CA ALA A 117 -8.13 6.92 -11.12
C ALA A 117 -9.20 5.92 -11.54
N GLN A 118 -8.85 4.63 -11.55
CA GLN A 118 -9.81 3.58 -11.88
C GLN A 118 -10.95 3.60 -10.88
N LYS A 119 -10.62 3.49 -9.59
CA LYS A 119 -11.60 3.32 -8.53
C LYS A 119 -12.21 4.67 -8.14
N PHE A 120 -11.37 5.72 -8.06
CA PHE A 120 -11.77 6.98 -7.46
C PHE A 120 -12.01 8.04 -8.54
N GLN A 121 -13.21 7.99 -9.14
CA GLN A 121 -13.66 8.98 -10.10
C GLN A 121 -14.54 10.02 -9.41
N GLY A 122 -14.55 11.24 -9.96
CA GLY A 122 -15.46 12.29 -9.51
C GLY A 122 -14.93 13.07 -8.30
N VAL A 123 -13.61 13.02 -8.07
CA VAL A 123 -12.98 13.84 -7.04
C VAL A 123 -12.56 15.17 -7.69
N ARG A 124 -13.28 16.24 -7.37
CA ARG A 124 -12.99 17.55 -7.92
C ARG A 124 -12.82 18.57 -6.78
N LEU A 125 -12.37 19.77 -7.15
CA LEU A 125 -12.12 20.84 -6.21
C LEU A 125 -13.36 21.73 -6.10
N LEU A 126 -13.75 22.01 -4.84
CA LEU A 126 -14.82 22.94 -4.55
C LEU A 126 -14.26 24.36 -4.65
N ARG A 127 -15.12 25.31 -5.05
CA ARG A 127 -14.77 26.72 -5.05
C ARG A 127 -15.41 27.38 -3.83
N GLN A 128 -14.59 27.59 -2.79
CA GLN A 128 -15.08 27.99 -1.49
C GLN A 128 -14.95 29.50 -1.32
N ASP A 129 -15.67 30.04 -0.32
CA ASP A 129 -15.52 31.41 0.11
C ASP A 129 -14.14 31.57 0.74
N PRO A 130 -13.35 32.61 0.36
CA PRO A 130 -12.02 32.84 0.95
C PRO A 130 -11.99 32.86 2.48
N THR A 131 -12.90 33.61 3.11
CA THR A 131 -12.90 33.78 4.56
C THR A 131 -13.09 32.43 5.24
N GLU A 132 -14.17 31.73 4.88
CA GLU A 132 -14.48 30.42 5.42
C GLU A 132 -13.28 29.48 5.23
N CYS A 133 -12.69 29.52 4.04
CA CYS A 133 -11.55 28.68 3.71
C CYS A 133 -10.34 29.07 4.57
N LEU A 134 -10.10 30.37 4.70
CA LEU A 134 -8.91 30.89 5.38
C LEU A 134 -8.89 30.37 6.82
N PHE A 135 -9.96 30.65 7.58
CA PHE A 135 -9.99 30.38 9.01
C PHE A 135 -10.20 28.90 9.28
N SER A 136 -10.80 28.18 8.33
CA SER A 136 -10.92 26.74 8.42
C SER A 136 -9.54 26.09 8.36
N PHE A 137 -8.65 26.62 7.51
CA PHE A 137 -7.35 25.99 7.27
C PHE A 137 -6.32 26.49 8.28
N ILE A 138 -6.60 27.62 8.95
CA ILE A 138 -5.81 28.02 10.11
C ILE A 138 -6.05 27.01 11.24
N CYS A 139 -7.26 26.44 11.29
CA CYS A 139 -7.61 25.46 12.30
C CYS A 139 -7.04 24.07 11.98
N SER A 140 -6.41 23.91 10.81
CA SER A 140 -6.07 22.59 10.30
C SER A 140 -4.69 22.14 10.77
N SER A 141 -3.88 23.06 11.33
CA SER A 141 -2.52 22.73 11.71
C SER A 141 -2.52 21.70 12.84
N ASN A 142 -1.72 20.63 12.65
CA ASN A 142 -1.54 19.58 13.65
C ASN A 142 -2.92 19.10 14.12
N ASN A 143 -3.74 18.67 13.15
CA ASN A 143 -5.15 18.39 13.40
C ASN A 143 -5.63 17.37 12.37
N ASN A 144 -6.88 16.91 12.53
CA ASN A 144 -7.48 15.95 11.60
C ASN A 144 -8.91 16.39 11.29
N ILE A 145 -9.48 15.80 10.23
CA ILE A 145 -10.75 16.24 9.67
C ILE A 145 -11.84 16.24 10.73
N ALA A 146 -11.81 15.25 11.64
CA ALA A 146 -12.83 15.09 12.65
C ALA A 146 -12.82 16.27 13.63
N ARG A 147 -11.63 16.61 14.14
CA ARG A 147 -11.49 17.64 15.16
C ARG A 147 -11.66 19.03 14.53
N ILE A 148 -11.22 19.18 13.27
CA ILE A 148 -11.36 20.44 12.55
C ILE A 148 -12.85 20.74 12.37
N THR A 149 -13.60 19.72 11.95
CA THR A 149 -15.03 19.84 11.71
C THR A 149 -15.73 20.39 12.95
N GLY A 150 -15.33 19.90 14.13
CA GLY A 150 -15.89 20.34 15.39
C GLY A 150 -15.55 21.80 15.71
N MET A 151 -14.27 22.15 15.57
CA MET A 151 -13.80 23.50 15.82
C MET A 151 -14.56 24.51 14.97
N VAL A 152 -14.78 24.17 13.69
CA VAL A 152 -15.42 25.08 12.75
C VAL A 152 -16.91 25.19 13.09
N GLU A 153 -17.52 24.10 13.53
CA GLU A 153 -18.93 24.08 13.89
C GLU A 153 -19.17 24.95 15.12
N ARG A 154 -18.32 24.77 16.14
CA ARG A 154 -18.44 25.51 17.38
C ARG A 154 -18.21 27.00 17.14
N LEU A 155 -17.21 27.31 16.31
CA LEU A 155 -16.84 28.69 16.00
C LEU A 155 -18.01 29.41 15.34
N CYS A 156 -18.72 28.73 14.45
CA CYS A 156 -19.86 29.29 13.74
C CYS A 156 -21.05 29.48 14.67
N GLN A 157 -21.20 28.56 15.65
CA GLN A 157 -22.26 28.65 16.64
C GLN A 157 -22.07 29.89 17.50
N ALA A 158 -20.81 30.13 17.93
CA ALA A 158 -20.50 31.19 18.87
C ALA A 158 -20.51 32.57 18.20
N PHE A 159 -20.00 32.64 16.96
CA PHE A 159 -19.71 33.90 16.31
C PHE A 159 -20.62 34.17 15.11
N GLY A 160 -21.14 33.12 14.47
CA GLY A 160 -21.90 33.25 13.24
C GLY A 160 -23.41 33.30 13.50
N PRO A 161 -24.20 33.91 12.59
CA PRO A 161 -25.65 34.03 12.78
C PRO A 161 -26.39 32.72 12.54
N ARG A 162 -27.46 32.50 13.31
CA ARG A 162 -28.27 31.28 13.18
C ARG A 162 -29.06 31.36 11.88
N LEU A 163 -29.24 30.19 11.24
CA LEU A 163 -29.94 30.10 9.97
C LEU A 163 -31.25 29.33 10.17
N ILE A 164 -31.13 28.08 10.65
CA ILE A 164 -32.27 27.18 10.78
C ILE A 164 -31.86 25.99 11.63
N GLN A 165 -32.84 25.26 12.15
CA GLN A 165 -32.59 23.99 12.82
C GLN A 165 -33.30 22.86 12.08
N LEU A 166 -32.57 21.78 11.83
CA LEU A 166 -33.11 20.57 11.23
C LEU A 166 -32.79 19.40 12.15
N ASP A 167 -33.83 18.73 12.67
CA ASP A 167 -33.68 17.74 13.72
C ASP A 167 -33.00 18.41 14.92
N ASP A 168 -31.87 17.87 15.37
CA ASP A 168 -31.15 18.40 16.52
C ASP A 168 -29.85 19.07 16.08
N VAL A 169 -29.83 19.59 14.83
CA VAL A 169 -28.65 20.25 14.29
C VAL A 169 -29.02 21.70 13.98
N THR A 170 -28.42 22.63 14.75
CA THR A 170 -28.62 24.06 14.53
C THR A 170 -27.53 24.57 13.59
N TYR A 171 -27.96 25.16 12.46
CA TYR A 171 -27.05 25.57 11.40
C TYR A 171 -26.78 27.06 11.51
N HIS A 172 -25.48 27.42 11.55
CA HIS A 172 -25.04 28.80 11.57
C HIS A 172 -24.18 29.09 10.35
N GLY A 173 -24.31 30.30 9.80
CA GLY A 173 -23.45 30.77 8.74
C GLY A 173 -22.06 31.12 9.29
N PHE A 174 -21.07 31.28 8.39
CA PHE A 174 -19.71 31.56 8.82
C PHE A 174 -19.63 33.02 9.24
N PRO A 175 -18.97 33.34 10.38
CA PRO A 175 -18.87 34.74 10.83
C PRO A 175 -18.04 35.61 9.90
N ASN A 176 -18.36 36.91 9.89
CA ASN A 176 -17.55 37.90 9.21
C ASN A 176 -16.29 38.16 10.04
N LEU A 177 -15.36 38.91 9.44
CA LEU A 177 -14.05 39.18 10.05
C LEU A 177 -14.21 39.95 11.36
N HIS A 178 -15.14 40.91 11.37
CA HIS A 178 -15.34 41.79 12.52
C HIS A 178 -15.67 40.98 13.77
N ALA A 179 -16.47 39.91 13.60
CA ALA A 179 -16.91 39.08 14.71
C ALA A 179 -15.73 38.34 15.35
N LEU A 180 -14.72 38.00 14.53
CA LEU A 180 -13.59 37.20 14.97
C LEU A 180 -12.43 38.07 15.45
N ALA A 181 -12.54 39.39 15.24
CA ALA A 181 -11.46 40.32 15.54
C ALA A 181 -11.64 40.96 16.91
N GLY A 182 -12.74 40.65 17.61
CA GLY A 182 -13.11 41.34 18.84
C GLY A 182 -12.14 41.03 19.98
N PRO A 183 -12.14 41.84 21.07
CA PRO A 183 -11.18 41.69 22.17
C PRO A 183 -11.35 40.43 23.03
N GLU A 184 -12.55 39.81 22.97
CA GLU A 184 -12.84 38.61 23.74
C GLU A 184 -12.65 37.37 22.87
N ALA A 185 -12.50 37.55 21.56
CA ALA A 185 -12.61 36.48 20.59
C ALA A 185 -11.66 35.33 20.91
N GLU A 186 -10.39 35.65 21.20
CA GLU A 186 -9.39 34.63 21.46
C GLU A 186 -9.79 33.79 22.69
N THR A 187 -10.27 34.45 23.74
CA THR A 187 -10.62 33.79 24.98
C THR A 187 -11.78 32.81 24.76
N HIS A 188 -12.78 33.24 23.98
CA HIS A 188 -13.92 32.41 23.66
C HIS A 188 -13.47 31.20 22.84
N LEU A 189 -12.65 31.47 21.81
CA LEU A 189 -12.19 30.43 20.89
C LEU A 189 -11.36 29.38 21.64
N ARG A 190 -10.64 29.80 22.69
CA ARG A 190 -9.87 28.88 23.51
C ARG A 190 -10.81 27.99 24.32
N LYS A 191 -11.91 28.58 24.81
CA LYS A 191 -12.94 27.84 25.52
C LYS A 191 -13.56 26.78 24.60
N LEU A 192 -13.64 27.08 23.30
CA LEU A 192 -14.23 26.18 22.32
C LEU A 192 -13.24 25.09 21.91
N GLY A 193 -11.97 25.23 22.31
CA GLY A 193 -11.01 24.13 22.25
C GLY A 193 -10.01 24.26 21.11
N LEU A 194 -9.90 25.45 20.49
CA LEU A 194 -9.00 25.65 19.37
C LEU A 194 -7.55 25.73 19.86
N GLY A 195 -7.36 26.15 21.12
CA GLY A 195 -6.04 26.24 21.71
C GLY A 195 -5.25 27.42 21.12
N TYR A 196 -4.03 27.13 20.63
CA TYR A 196 -3.14 28.13 20.08
C TYR A 196 -3.71 28.73 18.80
N ARG A 197 -4.58 27.97 18.12
CA ARG A 197 -5.16 28.39 16.84
C ARG A 197 -6.11 29.57 17.05
N ALA A 198 -6.63 29.70 18.28
CA ALA A 198 -7.48 30.82 18.65
C ALA A 198 -6.75 32.14 18.44
N ARG A 199 -5.46 32.19 18.78
CA ARG A 199 -4.66 33.39 18.66
C ARG A 199 -4.54 33.78 17.18
N TYR A 200 -4.22 32.80 16.33
CA TYR A 200 -4.00 33.05 14.92
C TYR A 200 -5.28 33.49 14.23
N VAL A 201 -6.42 32.90 14.64
CA VAL A 201 -7.72 33.22 14.08
C VAL A 201 -8.00 34.71 14.29
N ARG A 202 -8.00 35.14 15.57
CA ARG A 202 -8.31 36.52 15.91
C ARG A 202 -7.31 37.44 15.23
N ALA A 203 -6.02 37.13 15.37
CA ALA A 203 -4.94 37.94 14.82
C ALA A 203 -5.10 38.12 13.31
N SER A 204 -5.43 37.05 12.59
CA SER A 204 -5.54 37.10 11.14
C SER A 204 -6.77 37.93 10.72
N ALA A 205 -7.89 37.73 11.41
CA ALA A 205 -9.10 38.51 11.16
C ALA A 205 -8.81 39.99 11.40
N LYS A 206 -8.11 40.29 12.50
CA LYS A 206 -7.74 41.65 12.85
C LYS A 206 -6.76 42.22 11.82
N ALA A 207 -5.87 41.36 11.29
CA ALA A 207 -4.87 41.79 10.32
C ALA A 207 -5.51 42.14 8.98
N ILE A 208 -6.40 41.27 8.49
CA ILE A 208 -7.05 41.49 7.20
C ILE A 208 -7.83 42.82 7.24
N LEU A 209 -8.48 43.10 8.37
CA LEU A 209 -9.22 44.33 8.57
C LEU A 209 -8.29 45.56 8.45
N GLU A 210 -7.32 45.63 9.37
CA GLU A 210 -6.55 46.85 9.59
C GLU A 210 -5.44 46.97 8.55
N GLU A 211 -4.73 45.87 8.28
CA GLU A 211 -3.54 45.89 7.44
C GLU A 211 -3.91 45.82 5.96
N GLN A 212 -4.95 45.03 5.63
CA GLN A 212 -5.24 44.71 4.24
C GLN A 212 -6.58 45.31 3.79
N GLY A 213 -7.39 45.81 4.74
CA GLY A 213 -8.56 46.60 4.41
C GLY A 213 -9.79 45.76 4.07
N GLY A 214 -10.05 44.72 4.87
CA GLY A 214 -11.30 44.00 4.81
C GLY A 214 -11.32 42.89 3.76
N PRO A 215 -12.48 42.24 3.53
CA PRO A 215 -12.58 41.05 2.68
C PRO A 215 -12.37 41.26 1.19
N ALA A 216 -12.35 42.53 0.73
CA ALA A 216 -12.10 42.84 -0.66
C ALA A 216 -10.67 42.43 -1.04
N TRP A 217 -9.78 42.43 -0.05
CA TRP A 217 -8.40 42.01 -0.23
C TRP A 217 -8.34 40.58 -0.78
N LEU A 218 -9.16 39.69 -0.22
CA LEU A 218 -9.20 38.29 -0.63
C LEU A 218 -9.73 38.18 -2.06
N GLN A 219 -10.66 39.07 -2.43
CA GLN A 219 -11.19 39.12 -3.78
C GLN A 219 -10.09 39.58 -4.75
N GLN A 220 -9.26 40.53 -4.30
CA GLN A 220 -8.13 41.00 -5.10
C GLN A 220 -7.17 39.84 -5.37
N LEU A 221 -6.87 39.04 -4.33
CA LEU A 221 -5.97 37.91 -4.45
C LEU A 221 -6.51 36.88 -5.44
N ARG A 222 -7.84 36.78 -5.53
CA ARG A 222 -8.49 35.81 -6.41
C ARG A 222 -8.20 36.12 -7.88
N VAL A 223 -7.94 37.40 -8.20
CA VAL A 223 -7.64 37.80 -9.57
C VAL A 223 -6.13 38.02 -9.74
N ALA A 224 -5.39 38.12 -8.64
CA ALA A 224 -3.95 38.27 -8.68
C ALA A 224 -3.31 36.95 -9.10
N PRO A 225 -2.08 36.96 -9.68
CA PRO A 225 -1.37 35.72 -10.00
C PRO A 225 -1.02 34.89 -8.76
N TYR A 226 -0.96 33.57 -8.95
CA TYR A 226 -0.84 32.59 -7.89
C TYR A 226 0.25 32.98 -6.90
N GLU A 227 1.44 33.33 -7.40
CA GLU A 227 2.61 33.51 -6.57
C GLU A 227 2.48 34.79 -5.76
N GLU A 228 1.76 35.79 -6.29
CA GLU A 228 1.52 37.05 -5.60
C GLU A 228 0.54 36.82 -4.45
N ALA A 229 -0.50 36.01 -4.71
CA ALA A 229 -1.52 35.72 -3.71
C ALA A 229 -0.92 34.92 -2.55
N HIS A 230 0.02 34.01 -2.88
CA HIS A 230 0.61 33.12 -1.91
C HIS A 230 1.43 33.91 -0.91
N LYS A 231 2.25 34.85 -1.40
CA LYS A 231 3.13 35.66 -0.57
C LYS A 231 2.31 36.55 0.35
N ALA A 232 1.19 37.08 -0.16
CA ALA A 232 0.33 37.99 0.60
C ALA A 232 -0.34 37.25 1.75
N LEU A 233 -0.74 35.99 1.50
CA LEU A 233 -1.36 35.16 2.52
C LEU A 233 -0.35 34.80 3.62
N CYS A 234 0.92 34.61 3.23
CA CYS A 234 1.96 34.18 4.17
C CYS A 234 2.32 35.30 5.15
N THR A 235 1.79 36.51 4.95
CA THR A 235 1.98 37.59 5.91
C THR A 235 1.02 37.47 7.08
N LEU A 236 0.01 36.58 6.98
CA LEU A 236 -1.02 36.45 8.00
C LEU A 236 -0.52 35.54 9.12
N PRO A 237 -0.85 35.84 10.40
CA PRO A 237 -0.57 34.95 11.53
C PRO A 237 -1.18 33.56 11.37
N GLY A 238 -0.35 32.52 11.52
CA GLY A 238 -0.80 31.13 11.46
C GLY A 238 -1.00 30.63 10.03
N VAL A 239 -0.53 31.40 9.05
CA VAL A 239 -0.66 31.03 7.65
C VAL A 239 0.73 30.93 7.03
N GLY A 240 1.18 29.69 6.78
CA GLY A 240 2.41 29.43 6.06
C GLY A 240 2.14 28.88 4.66
N ALA A 241 3.18 28.26 4.07
CA ALA A 241 3.15 27.82 2.69
C ALA A 241 2.03 26.81 2.46
N LYS A 242 1.90 25.86 3.39
CA LYS A 242 0.93 24.79 3.28
C LYS A 242 -0.50 25.35 3.28
N VAL A 243 -0.82 26.16 4.30
CA VAL A 243 -2.14 26.72 4.46
C VAL A 243 -2.44 27.69 3.32
N ALA A 244 -1.41 28.43 2.87
CA ALA A 244 -1.57 29.40 1.80
C ALA A 244 -1.94 28.68 0.50
N ASP A 245 -1.31 27.53 0.25
CA ASP A 245 -1.56 26.75 -0.97
C ASP A 245 -2.97 26.20 -0.96
N CYS A 246 -3.45 25.76 0.21
CA CYS A 246 -4.79 25.25 0.37
C CYS A 246 -5.82 26.31 -0.03
N ILE A 247 -5.62 27.54 0.47
CA ILE A 247 -6.54 28.63 0.21
C ILE A 247 -6.48 28.98 -1.27
N CYS A 248 -5.26 29.10 -1.81
CA CYS A 248 -5.04 29.39 -3.22
C CYS A 248 -5.80 28.40 -4.11
N LEU A 249 -5.70 27.11 -3.77
CA LEU A 249 -6.27 26.04 -4.58
C LEU A 249 -7.80 26.01 -4.46
N MET A 250 -8.32 26.32 -3.26
CA MET A 250 -9.69 25.97 -2.93
C MET A 250 -10.60 27.20 -2.88
N ALA A 251 -10.02 28.41 -2.90
CA ALA A 251 -10.81 29.63 -2.72
C ALA A 251 -10.42 30.72 -3.71
N LEU A 252 -9.16 30.75 -4.17
CA LEU A 252 -8.68 31.84 -5.00
C LEU A 252 -8.39 31.38 -6.43
N ASP A 253 -8.95 30.22 -6.83
CA ASP A 253 -8.87 29.75 -8.20
C ASP A 253 -7.43 29.72 -8.69
N LYS A 254 -6.55 29.02 -7.96
CA LYS A 254 -5.20 28.73 -8.42
C LYS A 254 -5.06 27.21 -8.55
N PRO A 255 -5.47 26.61 -9.71
CA PRO A 255 -5.49 25.16 -9.85
C PRO A 255 -4.11 24.48 -9.81
N GLN A 256 -3.04 25.28 -9.96
CA GLN A 256 -1.68 24.75 -9.98
C GLN A 256 -1.09 24.69 -8.57
N ALA A 257 -1.81 25.24 -7.58
CA ALA A 257 -1.36 25.26 -6.20
C ALA A 257 -1.40 23.85 -5.63
N VAL A 258 -0.24 23.33 -5.22
CA VAL A 258 -0.11 22.00 -4.67
C VAL A 258 0.33 22.12 -3.21
N PRO A 259 -0.59 22.06 -2.22
CA PRO A 259 -0.22 22.16 -0.81
C PRO A 259 0.58 20.95 -0.34
N VAL A 260 1.75 21.20 0.23
CA VAL A 260 2.68 20.14 0.61
C VAL A 260 2.84 20.16 2.13
N ASP A 261 2.56 19.00 2.75
CA ASP A 261 2.87 18.75 4.15
C ASP A 261 3.56 17.39 4.23
N VAL A 262 3.66 16.84 5.44
CA VAL A 262 4.33 15.56 5.67
C VAL A 262 3.54 14.43 5.01
N HIS A 263 2.21 14.60 4.93
CA HIS A 263 1.34 13.61 4.32
C HIS A 263 1.62 13.51 2.82
N VAL A 264 1.83 14.66 2.15
CA VAL A 264 2.11 14.68 0.72
C VAL A 264 3.52 14.17 0.47
N TRP A 265 4.46 14.49 1.38
CA TRP A 265 5.80 13.93 1.35
C TRP A 265 5.74 12.41 1.35
N GLN A 266 4.92 11.85 2.25
CA GLN A 266 4.78 10.41 2.41
C GLN A 266 4.32 9.78 1.10
N ILE A 267 3.30 10.37 0.47
CA ILE A 267 2.77 9.87 -0.79
C ILE A 267 3.84 10.01 -1.88
N ALA A 268 4.39 11.22 -2.02
CA ALA A 268 5.39 11.52 -3.03
C ALA A 268 6.53 10.50 -3.01
N HIS A 269 7.05 10.23 -1.80
CA HIS A 269 8.19 9.35 -1.62
C HIS A 269 7.80 7.91 -1.91
N ARG A 270 6.68 7.45 -1.34
CA ARG A 270 6.29 6.05 -1.40
C ARG A 270 5.83 5.69 -2.82
N ASP A 271 5.08 6.58 -3.46
CA ASP A 271 4.34 6.25 -4.67
C ASP A 271 5.04 6.75 -5.93
N TYR A 272 5.97 7.73 -5.80
CA TYR A 272 6.70 8.24 -6.94
C TYR A 272 8.21 8.06 -6.76
N GLY A 273 8.66 7.64 -5.57
CA GLY A 273 10.07 7.51 -5.30
C GLY A 273 10.81 8.84 -5.34
N TRP A 274 10.10 9.93 -4.98
CA TRP A 274 10.65 11.27 -5.05
C TRP A 274 11.59 11.51 -3.87
N HIS A 275 12.76 12.09 -4.18
CA HIS A 275 13.66 12.62 -3.16
C HIS A 275 14.13 14.00 -3.62
N PRO A 276 14.40 14.94 -2.68
CA PRO A 276 14.86 16.28 -3.06
C PRO A 276 16.24 16.23 -3.72
N LYS A 277 16.30 16.66 -4.99
CA LYS A 277 17.56 16.76 -5.72
C LYS A 277 18.35 17.94 -5.16
N THR A 278 17.72 19.12 -5.14
CA THR A 278 18.33 20.33 -4.61
C THR A 278 17.95 20.49 -3.12
N PRO A 284 12.28 16.82 5.79
CA PRO A 284 11.52 17.88 5.13
C PRO A 284 11.99 19.28 5.51
N SER A 285 11.66 20.27 4.66
CA SER A 285 12.04 21.65 4.88
C SER A 285 11.18 22.55 3.99
N PRO A 286 11.13 23.88 4.26
CA PRO A 286 10.46 24.82 3.36
C PRO A 286 10.96 24.76 1.91
N LEU A 287 12.28 24.60 1.76
CA LEU A 287 12.91 24.53 0.45
C LEU A 287 12.53 23.24 -0.26
N ALA A 288 12.53 22.13 0.50
CA ALA A 288 12.26 20.81 -0.06
C ALA A 288 10.78 20.69 -0.43
N ASN A 289 9.90 21.25 0.42
CA ASN A 289 8.45 21.26 0.17
C ASN A 289 8.15 22.01 -1.12
N LYS A 290 8.87 23.11 -1.36
CA LYS A 290 8.67 23.94 -2.53
C LYS A 290 9.07 23.19 -3.80
N GLU A 291 10.15 22.40 -3.72
CA GLU A 291 10.64 21.60 -4.83
C GLU A 291 9.62 20.51 -5.18
N LEU A 292 8.95 19.97 -4.16
CA LEU A 292 7.99 18.89 -4.35
C LEU A 292 6.74 19.43 -5.06
N GLY A 293 6.33 20.66 -4.70
CA GLY A 293 5.23 21.32 -5.38
C GLY A 293 5.55 21.63 -6.83
N ASN A 294 6.82 21.98 -7.10
CA ASN A 294 7.30 22.21 -8.45
C ASN A 294 7.31 20.90 -9.23
N PHE A 295 7.71 19.81 -8.55
CA PHE A 295 7.78 18.49 -9.16
C PHE A 295 6.41 18.08 -9.71
N PHE A 296 5.36 18.25 -8.88
CA PHE A 296 4.02 17.82 -9.25
C PHE A 296 3.46 18.72 -10.34
N ARG A 297 3.76 20.02 -10.27
CA ARG A 297 3.34 20.97 -11.30
C ARG A 297 4.00 20.62 -12.64
N ASN A 298 5.28 20.24 -12.59
CA ASN A 298 6.02 19.84 -13.78
C ASN A 298 5.39 18.59 -14.39
N LEU A 299 4.91 17.69 -13.51
CA LEU A 299 4.38 16.40 -13.92
C LEU A 299 2.96 16.55 -14.44
N TRP A 300 2.09 17.21 -13.65
CA TRP A 300 0.66 17.21 -13.92
C TRP A 300 0.23 18.44 -14.73
N GLY A 301 0.94 19.56 -14.56
CA GLY A 301 0.67 20.76 -15.32
C GLY A 301 -0.15 21.78 -14.52
N PRO A 302 -0.94 22.64 -15.19
CA PRO A 302 -1.59 23.79 -14.53
C PRO A 302 -2.83 23.47 -13.69
N TYR A 303 -3.24 22.20 -13.66
CA TYR A 303 -4.27 21.74 -12.73
C TYR A 303 -3.70 20.68 -11.80
N ALA A 304 -2.44 20.88 -11.37
CA ALA A 304 -1.73 19.92 -10.54
C ALA A 304 -2.41 19.79 -9.18
N GLY A 305 -3.02 20.89 -8.71
CA GLY A 305 -3.72 20.89 -7.43
C GLY A 305 -4.94 19.99 -7.43
N TRP A 306 -5.61 19.90 -8.60
CA TRP A 306 -6.81 19.09 -8.76
C TRP A 306 -6.44 17.61 -8.79
N ALA A 307 -5.30 17.29 -9.41
CA ALA A 307 -4.80 15.93 -9.44
C ALA A 307 -4.41 15.47 -8.03
N GLN A 308 -3.80 16.38 -7.27
CA GLN A 308 -3.37 16.10 -5.91
C GLN A 308 -4.56 15.71 -5.04
N ALA A 309 -5.70 16.37 -5.26
CA ALA A 309 -6.91 16.12 -4.49
C ALA A 309 -7.41 14.69 -4.72
N VAL A 310 -7.22 14.17 -5.94
CA VAL A 310 -7.64 12.82 -6.28
C VAL A 310 -6.84 11.81 -5.46
N LEU A 311 -5.52 12.06 -5.33
CA LEU A 311 -4.64 11.18 -4.59
C LEU A 311 -4.93 11.27 -3.09
N PHE A 312 -5.05 12.51 -2.58
CA PHE A 312 -5.32 12.75 -1.18
C PHE A 312 -6.65 12.10 -0.79
N SER A 313 -7.68 12.33 -1.60
CA SER A 313 -9.00 11.76 -1.37
C SER A 313 -8.95 10.24 -1.44
N ALA A 314 -8.13 9.71 -2.37
CA ALA A 314 -7.97 8.27 -2.53
C ALA A 314 -7.16 7.68 -1.38
N ASP A 315 -6.27 8.48 -0.79
CA ASP A 315 -5.37 8.02 0.25
C ASP A 315 -6.10 7.92 1.60
N LEU A 316 -7.14 8.75 1.77
CA LEU A 316 -7.99 8.71 2.96
C LEU A 316 -8.75 7.38 3.01
N ARG A 317 -9.31 6.99 1.86
CA ARG A 317 -10.22 5.85 1.77
C ARG A 317 -9.41 4.58 1.55
N GLN A 318 -8.60 4.21 2.56
CA GLN A 318 -7.66 3.11 2.46
C GLN A 318 -6.85 3.23 1.17
N HIS B 3 -19.25 -19.17 -41.51
CA HIS B 3 -18.18 -19.07 -40.47
C HIS B 3 -18.48 -20.03 -39.32
N MET B 4 -17.53 -20.17 -38.41
CA MET B 4 -17.66 -21.04 -37.25
C MET B 4 -17.88 -20.20 -36.00
N ARG B 5 -18.36 -20.86 -34.93
CA ARG B 5 -18.59 -20.21 -33.65
C ARG B 5 -17.40 -20.48 -32.73
N HIS B 6 -17.31 -19.67 -31.65
CA HIS B 6 -16.29 -19.89 -30.63
C HIS B 6 -16.66 -21.13 -29.82
N ARG B 7 -15.71 -22.08 -29.74
CA ARG B 7 -15.93 -23.35 -29.08
C ARG B 7 -15.89 -23.17 -27.57
N THR B 8 -16.48 -24.12 -26.85
CA THR B 8 -16.31 -24.27 -25.42
C THR B 8 -16.10 -25.74 -25.10
N LEU B 9 -15.76 -26.04 -23.84
CA LEU B 9 -15.45 -27.39 -23.42
C LEU B 9 -16.71 -28.24 -23.39
N SER B 10 -17.79 -27.68 -22.84
CA SER B 10 -19.05 -28.40 -22.65
C SER B 10 -19.78 -28.56 -23.99
N SER B 11 -19.65 -27.56 -24.88
CA SER B 11 -20.38 -27.54 -26.14
C SER B 11 -20.00 -28.74 -27.00
N SER B 12 -18.71 -28.87 -27.31
CA SER B 12 -18.20 -29.94 -28.16
C SER B 12 -16.91 -30.50 -27.57
N PRO B 13 -16.97 -31.41 -26.56
CA PRO B 13 -15.77 -31.91 -25.90
C PRO B 13 -14.93 -32.89 -26.73
N ALA B 14 -15.45 -33.29 -27.89
CA ALA B 14 -14.76 -34.21 -28.78
C ALA B 14 -13.54 -33.52 -29.42
N LEU B 15 -13.67 -32.22 -29.69
CA LEU B 15 -12.68 -31.48 -30.46
C LEU B 15 -11.59 -30.90 -29.56
N TRP B 16 -11.63 -31.19 -28.25
CA TRP B 16 -10.67 -30.65 -27.30
C TRP B 16 -9.70 -31.74 -26.86
N ALA B 17 -8.42 -31.36 -26.71
CA ALA B 17 -7.41 -32.22 -26.11
C ALA B 17 -7.08 -31.68 -24.72
N SER B 18 -6.28 -32.44 -23.96
CA SER B 18 -5.93 -32.08 -22.60
C SER B 18 -4.43 -32.32 -22.35
N ILE B 19 -3.87 -31.57 -21.40
CA ILE B 19 -2.48 -31.69 -21.01
C ILE B 19 -2.41 -31.71 -19.48
N PRO B 20 -1.62 -32.63 -18.87
CA PRO B 20 -1.48 -32.66 -17.41
C PRO B 20 -0.69 -31.46 -16.91
N CYS B 21 -1.38 -30.60 -16.13
CA CYS B 21 -0.82 -29.33 -15.68
C CYS B 21 -1.71 -28.72 -14.61
N PRO B 22 -1.30 -28.74 -13.31
CA PRO B 22 -2.13 -28.19 -12.24
C PRO B 22 -2.22 -26.66 -12.28
N ARG B 23 -3.18 -26.11 -11.53
CA ARG B 23 -3.43 -24.68 -11.50
C ARG B 23 -2.24 -23.95 -10.87
N SER B 24 -1.53 -24.63 -9.96
CA SER B 24 -0.37 -24.04 -9.30
C SER B 24 0.74 -23.73 -10.30
N GLU B 25 0.86 -24.56 -11.35
CA GLU B 25 1.94 -24.44 -12.31
C GLU B 25 1.62 -23.43 -13.41
N LEU B 26 0.32 -23.16 -13.63
CA LEU B 26 -0.09 -22.21 -14.65
C LEU B 26 -1.52 -21.72 -14.38
N ARG B 27 -1.72 -20.41 -14.51
CA ARG B 27 -3.03 -19.78 -14.46
C ARG B 27 -3.17 -18.83 -15.64
N LEU B 28 -4.01 -19.21 -16.61
CA LEU B 28 -4.12 -18.51 -17.88
C LEU B 28 -4.53 -17.05 -17.67
N ASP B 29 -5.41 -16.81 -16.69
CA ASP B 29 -5.94 -15.48 -16.43
C ASP B 29 -4.81 -14.53 -16.00
N LEU B 30 -3.82 -15.05 -15.27
CA LEU B 30 -2.73 -14.22 -14.75
C LEU B 30 -1.58 -14.13 -15.75
N VAL B 31 -1.67 -14.86 -16.87
CA VAL B 31 -0.54 -15.00 -17.80
C VAL B 31 -0.90 -14.44 -19.17
N LEU B 32 -2.09 -14.80 -19.70
CA LEU B 32 -2.42 -14.54 -21.09
C LEU B 32 -2.77 -13.06 -21.31
N ALA B 33 -3.15 -12.36 -20.25
CA ALA B 33 -3.49 -10.94 -20.34
C ALA B 33 -2.79 -10.16 -19.22
N SER B 34 -1.48 -10.38 -19.08
CA SER B 34 -0.70 -9.72 -18.04
C SER B 34 0.56 -9.09 -18.65
N GLY B 35 0.47 -8.65 -19.91
CA GLY B 35 1.49 -7.83 -20.52
C GLY B 35 2.63 -8.64 -21.17
N GLN B 36 2.41 -9.93 -21.40
CA GLN B 36 3.38 -10.78 -22.08
C GLN B 36 2.98 -10.90 -23.54
N SER B 37 1.78 -11.44 -23.79
CA SER B 37 1.21 -11.54 -25.12
C SER B 37 -0.03 -10.65 -25.19
N PHE B 38 -0.25 -10.04 -26.36
CA PHE B 38 -1.34 -9.10 -26.56
C PHE B 38 -2.34 -9.66 -27.57
N ARG B 39 -2.33 -11.00 -27.73
CA ARG B 39 -3.08 -11.67 -28.77
C ARG B 39 -4.00 -12.73 -28.16
N TRP B 40 -4.52 -12.45 -26.95
CA TRP B 40 -5.44 -13.37 -26.28
C TRP B 40 -6.60 -12.57 -25.69
N LYS B 41 -7.78 -13.19 -25.64
CA LYS B 41 -8.98 -12.54 -25.13
C LYS B 41 -9.91 -13.61 -24.55
N GLU B 42 -10.45 -13.32 -23.35
CA GLU B 42 -11.40 -14.21 -22.69
C GLU B 42 -12.77 -14.01 -23.33
N GLN B 43 -12.99 -14.72 -24.45
CA GLN B 43 -14.18 -14.55 -25.27
C GLN B 43 -15.41 -14.88 -24.44
N SER B 44 -15.41 -16.08 -23.84
CA SER B 44 -16.41 -16.48 -22.87
C SER B 44 -15.72 -16.87 -21.57
N PRO B 45 -16.42 -16.79 -20.40
CA PRO B 45 -15.79 -17.06 -19.11
C PRO B 45 -14.89 -18.31 -19.09
N ALA B 46 -13.59 -18.07 -18.81
CA ALA B 46 -12.60 -19.12 -18.64
C ALA B 46 -12.34 -19.85 -19.97
N HIS B 47 -12.35 -19.10 -21.08
CA HIS B 47 -12.10 -19.66 -22.40
C HIS B 47 -11.34 -18.63 -23.24
N TRP B 48 -10.01 -18.70 -23.21
CA TRP B 48 -9.14 -17.72 -23.84
C TRP B 48 -8.81 -18.16 -25.26
N SER B 49 -8.90 -17.22 -26.21
CA SER B 49 -8.70 -17.53 -27.63
C SER B 49 -7.67 -16.57 -28.23
N GLY B 50 -6.75 -17.12 -29.03
CA GLY B 50 -5.68 -16.34 -29.62
C GLY B 50 -5.02 -17.05 -30.80
N VAL B 51 -3.98 -16.40 -31.36
CA VAL B 51 -3.28 -16.90 -32.53
C VAL B 51 -1.90 -17.40 -32.11
N LEU B 52 -1.46 -18.51 -32.72
CA LEU B 52 -0.15 -19.09 -32.49
C LEU B 52 0.37 -19.70 -33.79
N ALA B 53 1.43 -19.09 -34.35
CA ALA B 53 2.11 -19.62 -35.53
C ALA B 53 1.11 -19.88 -36.66
N ASP B 54 0.28 -18.86 -36.94
CA ASP B 54 -0.66 -18.89 -38.05
C ASP B 54 -1.71 -19.99 -37.85
N GLN B 55 -2.15 -20.15 -36.60
CA GLN B 55 -3.27 -21.03 -36.25
C GLN B 55 -3.98 -20.45 -35.03
N VAL B 56 -5.31 -20.49 -35.04
CA VAL B 56 -6.11 -19.97 -33.94
C VAL B 56 -6.33 -21.09 -32.94
N TRP B 57 -6.31 -20.73 -31.64
CA TRP B 57 -6.51 -21.67 -30.55
C TRP B 57 -7.61 -21.14 -29.63
N THR B 58 -8.10 -22.04 -28.75
CA THR B 58 -8.86 -21.64 -27.58
C THR B 58 -8.46 -22.55 -26.42
N LEU B 59 -8.28 -21.96 -25.23
CA LEU B 59 -7.68 -22.64 -24.09
C LEU B 59 -8.56 -22.47 -22.86
N THR B 60 -8.56 -23.48 -22.00
CA THR B 60 -9.12 -23.39 -20.65
C THR B 60 -8.39 -24.37 -19.75
N GLN B 61 -8.81 -24.45 -18.49
CA GLN B 61 -8.18 -25.35 -17.55
C GLN B 61 -9.12 -25.66 -16.38
N THR B 62 -8.98 -26.87 -15.85
CA THR B 62 -9.54 -27.24 -14.56
C THR B 62 -8.41 -27.18 -13.53
N GLU B 63 -8.66 -27.71 -12.33
CA GLU B 63 -7.62 -27.82 -11.32
C GLU B 63 -6.59 -28.86 -11.76
N ASP B 64 -7.04 -29.88 -12.49
CA ASP B 64 -6.21 -31.01 -12.86
C ASP B 64 -5.40 -30.70 -14.11
N GLN B 65 -6.08 -30.40 -15.22
CA GLN B 65 -5.44 -30.38 -16.52
C GLN B 65 -5.70 -29.06 -17.26
N LEU B 66 -4.92 -28.85 -18.33
CA LEU B 66 -5.09 -27.73 -19.24
C LEU B 66 -5.80 -28.23 -20.51
N TYR B 67 -6.98 -27.68 -20.78
CA TYR B 67 -7.79 -28.07 -21.93
C TYR B 67 -7.56 -27.07 -23.07
N CYS B 68 -7.54 -27.59 -24.30
CA CYS B 68 -7.23 -26.76 -25.47
C CYS B 68 -7.94 -27.30 -26.71
N THR B 69 -8.13 -26.41 -27.69
CA THR B 69 -8.69 -26.75 -28.99
C THR B 69 -8.10 -25.82 -30.04
N VAL B 70 -8.06 -26.27 -31.30
CA VAL B 70 -7.36 -25.57 -32.36
C VAL B 70 -8.27 -25.47 -33.58
N TYR B 71 -8.10 -24.38 -34.35
CA TYR B 71 -8.84 -24.13 -35.58
C TYR B 71 -7.85 -24.02 -36.74
N ARG B 72 -7.69 -25.12 -37.49
CA ARG B 72 -6.79 -25.16 -38.63
C ARG B 72 -7.45 -24.49 -39.84
N GLY B 73 -8.63 -24.99 -40.23
CA GLY B 73 -9.36 -24.46 -41.36
C GLY B 73 -8.71 -24.84 -42.69
N VAL B 78 -11.35 -30.88 -39.61
CA VAL B 78 -12.10 -30.57 -38.35
C VAL B 78 -11.86 -31.71 -37.36
N SER B 79 -10.77 -31.58 -36.59
CA SER B 79 -10.39 -32.61 -35.62
C SER B 79 -9.72 -31.96 -34.41
N ARG B 80 -9.51 -32.76 -33.36
CA ARG B 80 -8.88 -32.31 -32.13
C ARG B 80 -7.39 -32.06 -32.38
N PRO B 81 -6.68 -31.35 -31.47
CA PRO B 81 -5.26 -31.04 -31.66
C PRO B 81 -4.36 -32.27 -31.83
N THR B 82 -3.43 -32.20 -32.78
CA THR B 82 -2.45 -33.26 -32.98
C THR B 82 -1.38 -33.18 -31.90
N LEU B 83 -0.57 -34.24 -31.82
CA LEU B 83 0.55 -34.31 -30.88
C LEU B 83 1.51 -33.14 -31.11
N GLU B 84 1.88 -32.90 -32.38
CA GLU B 84 2.80 -31.83 -32.75
C GLU B 84 2.28 -30.48 -32.26
N GLU B 85 0.95 -30.30 -32.32
CA GLU B 85 0.31 -29.05 -31.92
C GLU B 85 0.26 -28.95 -30.40
N LEU B 86 0.06 -30.09 -29.72
CA LEU B 86 0.09 -30.14 -28.27
C LEU B 86 1.50 -29.84 -27.75
N GLU B 87 2.53 -30.24 -28.52
CA GLU B 87 3.92 -30.01 -28.13
C GLU B 87 4.28 -28.54 -28.32
N THR B 88 3.73 -27.91 -29.37
CA THR B 88 3.93 -26.50 -29.61
C THR B 88 3.42 -25.68 -28.42
N LEU B 89 2.25 -26.07 -27.89
CA LEU B 89 1.62 -25.39 -26.78
C LEU B 89 2.39 -25.65 -25.49
N HIS B 90 2.99 -26.84 -25.39
CA HIS B 90 3.78 -27.22 -24.23
C HIS B 90 5.01 -26.32 -24.13
N LYS B 91 5.71 -26.12 -25.26
CA LYS B 91 6.91 -25.31 -25.31
C LYS B 91 6.56 -23.83 -25.12
N TYR B 92 5.35 -23.44 -25.54
CA TYR B 92 4.90 -22.06 -25.44
C TYR B 92 4.78 -21.66 -23.97
N PHE B 93 4.28 -22.59 -23.13
CA PHE B 93 4.10 -22.34 -21.71
C PHE B 93 5.32 -22.78 -20.90
N GLN B 94 6.32 -23.37 -21.58
CA GLN B 94 7.56 -23.79 -20.95
C GLN B 94 7.25 -24.64 -19.71
N LEU B 95 6.50 -25.72 -19.92
CA LEU B 95 5.95 -26.51 -18.82
C LEU B 95 7.00 -27.47 -18.26
N ASP B 96 8.17 -27.56 -18.91
CA ASP B 96 9.31 -28.26 -18.34
C ASP B 96 9.70 -27.60 -17.02
N VAL B 97 9.78 -26.26 -17.03
CA VAL B 97 10.28 -25.49 -15.90
C VAL B 97 9.31 -25.63 -14.73
N SER B 98 9.84 -26.12 -13.60
CA SER B 98 9.04 -26.32 -12.39
C SER B 98 8.89 -24.99 -11.66
N LEU B 99 7.63 -24.50 -11.61
CA LEU B 99 7.32 -23.21 -11.02
C LEU B 99 7.30 -23.32 -9.49
N ALA B 100 6.89 -24.49 -8.99
CA ALA B 100 6.85 -24.74 -7.55
C ALA B 100 8.24 -24.55 -6.93
N GLN B 101 9.27 -25.03 -7.65
CA GLN B 101 10.65 -24.94 -7.17
C GLN B 101 11.14 -23.49 -7.20
N LEU B 102 10.75 -22.74 -8.24
CA LEU B 102 11.16 -21.35 -8.39
C LEU B 102 10.55 -20.50 -7.27
N TYR B 103 9.24 -20.66 -7.04
CA TYR B 103 8.55 -19.95 -5.99
C TYR B 103 9.18 -20.26 -4.63
N SER B 104 9.58 -21.52 -4.44
CA SER B 104 10.21 -21.96 -3.21
C SER B 104 11.56 -21.25 -3.02
N HIS B 105 12.32 -21.12 -4.12
CA HIS B 105 13.62 -20.48 -4.07
C HIS B 105 13.47 -18.98 -3.80
N TRP B 106 12.56 -18.33 -4.54
CA TRP B 106 12.36 -16.89 -4.44
C TRP B 106 11.89 -16.52 -3.04
N ALA B 107 10.98 -17.33 -2.48
CA ALA B 107 10.42 -17.07 -1.16
C ALA B 107 11.50 -17.17 -0.07
N SER B 108 12.48 -18.06 -0.28
CA SER B 108 13.48 -18.33 0.73
C SER B 108 14.55 -17.23 0.79
N VAL B 109 14.63 -16.40 -0.25
CA VAL B 109 15.64 -15.34 -0.30
C VAL B 109 14.97 -13.96 -0.33
N ASP B 110 13.64 -13.91 -0.20
CA ASP B 110 12.90 -12.67 -0.33
C ASP B 110 11.60 -12.76 0.46
N SER B 111 11.49 -11.91 1.50
CA SER B 111 10.35 -11.90 2.40
C SER B 111 9.15 -11.25 1.73
N HIS B 112 9.39 -10.22 0.91
CA HIS B 112 8.33 -9.54 0.19
C HIS B 112 7.63 -10.53 -0.75
N PHE B 113 8.43 -11.31 -1.48
CA PHE B 113 7.92 -12.26 -2.45
C PHE B 113 7.12 -13.35 -1.74
N GLN B 114 7.58 -13.76 -0.55
CA GLN B 114 6.93 -14.81 0.22
C GLN B 114 5.50 -14.41 0.56
N ARG B 115 5.29 -13.11 0.84
CA ARG B 115 3.98 -12.60 1.19
C ARG B 115 3.09 -12.55 -0.06
N VAL B 116 3.63 -12.02 -1.16
CA VAL B 116 2.85 -11.73 -2.36
C VAL B 116 2.63 -13.01 -3.17
N ALA B 117 3.52 -14.00 -3.02
CA ALA B 117 3.49 -15.20 -3.85
C ALA B 117 2.23 -16.03 -3.60
N GLN B 118 1.80 -16.10 -2.34
CA GLN B 118 0.75 -17.02 -1.92
C GLN B 118 -0.53 -16.80 -2.71
N LYS B 119 -0.90 -15.53 -2.94
CA LYS B 119 -2.17 -15.19 -3.55
C LYS B 119 -2.05 -15.10 -5.08
N PHE B 120 -0.86 -15.38 -5.61
CA PHE B 120 -0.61 -15.27 -7.04
C PHE B 120 0.32 -16.39 -7.51
N GLN B 121 -0.26 -17.58 -7.69
CA GLN B 121 0.47 -18.74 -8.16
C GLN B 121 0.16 -18.96 -9.65
N GLY B 122 1.03 -19.72 -10.33
CA GLY B 122 0.83 -20.07 -11.72
C GLY B 122 1.18 -18.94 -12.67
N VAL B 123 2.05 -18.02 -12.24
CA VAL B 123 2.53 -16.94 -13.10
C VAL B 123 3.88 -17.36 -13.68
N ARG B 124 3.88 -17.62 -14.98
CA ARG B 124 5.07 -18.07 -15.70
C ARG B 124 5.23 -17.24 -16.97
N LEU B 125 6.36 -17.45 -17.67
CA LEU B 125 6.67 -16.74 -18.89
C LEU B 125 6.30 -17.60 -20.09
N LEU B 126 5.82 -16.93 -21.15
CA LEU B 126 5.54 -17.57 -22.42
C LEU B 126 6.80 -17.49 -23.28
N ARG B 127 7.03 -18.53 -24.09
CA ARG B 127 8.14 -18.56 -25.02
C ARG B 127 7.60 -18.15 -26.39
N GLN B 128 7.77 -16.86 -26.71
CA GLN B 128 7.11 -16.24 -27.84
C GLN B 128 8.03 -16.27 -29.06
N ASP B 129 7.43 -16.03 -30.23
CA ASP B 129 8.16 -15.87 -31.47
C ASP B 129 8.93 -14.55 -31.40
N PRO B 130 10.27 -14.54 -31.65
CA PRO B 130 11.05 -13.31 -31.63
C PRO B 130 10.42 -12.15 -32.41
N THR B 131 10.06 -12.42 -33.68
CA THR B 131 9.51 -11.41 -34.57
C THR B 131 8.25 -10.80 -33.95
N GLU B 132 7.30 -11.66 -33.56
CA GLU B 132 6.05 -11.22 -32.99
C GLU B 132 6.29 -10.45 -31.69
N CYS B 133 7.31 -10.88 -30.93
CA CYS B 133 7.65 -10.25 -29.65
C CYS B 133 8.26 -8.87 -29.90
N LEU B 134 9.22 -8.81 -30.83
CA LEU B 134 9.95 -7.58 -31.13
C LEU B 134 8.97 -6.44 -31.40
N PHE B 135 8.13 -6.59 -32.43
CA PHE B 135 7.32 -5.51 -32.94
C PHE B 135 6.10 -5.27 -32.05
N SER B 136 5.80 -6.23 -31.17
CA SER B 136 4.74 -6.04 -30.17
C SER B 136 5.19 -5.05 -29.11
N PHE B 137 6.46 -5.14 -28.69
CA PHE B 137 6.96 -4.34 -27.59
C PHE B 137 7.54 -3.01 -28.09
N ILE B 138 7.65 -2.84 -29.41
CA ILE B 138 7.91 -1.54 -29.99
C ILE B 138 6.67 -0.65 -29.80
N CYS B 139 5.48 -1.28 -29.80
CA CYS B 139 4.23 -0.57 -29.60
C CYS B 139 3.95 -0.34 -28.11
N SER B 140 4.92 -0.67 -27.25
CA SER B 140 4.73 -0.63 -25.81
C SER B 140 5.13 0.72 -25.23
N SER B 141 5.80 1.56 -26.04
CA SER B 141 6.30 2.85 -25.60
C SER B 141 5.15 3.75 -25.16
N ASN B 142 5.21 4.22 -23.90
CA ASN B 142 4.25 5.16 -23.36
C ASN B 142 2.84 4.64 -23.60
N ASN B 143 2.50 3.51 -22.98
CA ASN B 143 1.29 2.78 -23.34
C ASN B 143 0.84 1.89 -22.18
N ASN B 144 -0.41 1.42 -22.26
CA ASN B 144 -0.95 0.44 -21.32
C ASN B 144 -1.40 -0.79 -22.10
N ILE B 145 -1.73 -1.87 -21.38
CA ILE B 145 -2.00 -3.16 -21.99
C ILE B 145 -3.18 -3.07 -22.93
N ALA B 146 -4.26 -2.42 -22.47
CA ALA B 146 -5.52 -2.37 -23.20
C ALA B 146 -5.34 -1.79 -24.60
N ARG B 147 -4.54 -0.72 -24.70
CA ARG B 147 -4.35 0.00 -25.96
C ARG B 147 -3.37 -0.74 -26.87
N ILE B 148 -2.39 -1.44 -26.28
CA ILE B 148 -1.41 -2.19 -27.05
C ILE B 148 -2.11 -3.36 -27.75
N THR B 149 -3.07 -3.97 -27.05
CA THR B 149 -3.87 -5.05 -27.61
C THR B 149 -4.58 -4.59 -28.87
N GLY B 150 -5.11 -3.37 -28.84
CA GLY B 150 -5.77 -2.78 -30.00
C GLY B 150 -4.79 -2.51 -31.14
N MET B 151 -3.62 -1.96 -30.81
CA MET B 151 -2.64 -1.54 -31.81
C MET B 151 -2.10 -2.76 -32.57
N VAL B 152 -1.80 -3.83 -31.84
CA VAL B 152 -1.24 -5.04 -32.42
C VAL B 152 -2.31 -5.76 -33.25
N GLU B 153 -3.56 -5.71 -32.76
CA GLU B 153 -4.69 -6.29 -33.46
C GLU B 153 -4.83 -5.65 -34.85
N ARG B 154 -4.78 -4.31 -34.89
CA ARG B 154 -4.92 -3.56 -36.12
C ARG B 154 -3.72 -3.81 -37.04
N LEU B 155 -2.52 -3.96 -36.45
CA LEU B 155 -1.30 -4.18 -37.19
C LEU B 155 -1.38 -5.50 -37.95
N CYS B 156 -1.89 -6.55 -37.27
CA CYS B 156 -2.03 -7.87 -37.86
C CYS B 156 -3.12 -7.86 -38.93
N GLN B 157 -4.17 -7.06 -38.70
CA GLN B 157 -5.31 -7.00 -39.60
C GLN B 157 -4.93 -6.33 -40.92
N ALA B 158 -3.93 -5.45 -40.88
CA ALA B 158 -3.51 -4.68 -42.04
C ALA B 158 -2.50 -5.47 -42.88
N PHE B 159 -1.40 -5.90 -42.23
CA PHE B 159 -0.27 -6.49 -42.95
C PHE B 159 -0.23 -8.01 -42.81
N GLY B 160 -0.93 -8.55 -41.80
CA GLY B 160 -0.85 -9.97 -41.49
C GLY B 160 -1.84 -10.81 -42.30
N PRO B 161 -1.42 -11.98 -42.83
CA PRO B 161 -2.33 -12.87 -43.56
C PRO B 161 -3.56 -13.31 -42.76
N ARG B 162 -4.69 -13.44 -43.46
CA ARG B 162 -5.97 -13.83 -42.86
C ARG B 162 -5.98 -15.34 -42.65
N LEU B 163 -6.72 -15.79 -41.64
CA LEU B 163 -6.75 -17.20 -41.27
C LEU B 163 -8.20 -17.69 -41.20
N ILE B 164 -8.90 -17.40 -40.09
CA ILE B 164 -10.26 -17.87 -39.86
C ILE B 164 -11.03 -16.80 -39.10
N GLN B 165 -12.34 -16.73 -39.36
CA GLN B 165 -13.22 -15.83 -38.62
C GLN B 165 -14.13 -16.66 -37.72
N LEU B 166 -14.09 -16.36 -36.42
CA LEU B 166 -14.94 -17.00 -35.43
C LEU B 166 -15.88 -15.95 -34.84
N ASP B 167 -17.18 -16.10 -35.11
CA ASP B 167 -18.19 -15.11 -34.75
C ASP B 167 -17.89 -13.80 -35.48
N ASP B 168 -17.93 -12.67 -34.77
CA ASP B 168 -17.61 -11.38 -35.36
C ASP B 168 -16.09 -11.20 -35.41
N VAL B 169 -15.36 -11.89 -34.52
CA VAL B 169 -13.92 -11.73 -34.37
C VAL B 169 -13.22 -12.46 -35.52
N THR B 170 -12.31 -11.73 -36.20
CA THR B 170 -11.49 -12.28 -37.26
C THR B 170 -10.05 -12.38 -36.77
N TYR B 171 -9.30 -13.35 -37.30
CA TYR B 171 -7.96 -13.65 -36.82
C TYR B 171 -6.97 -13.62 -37.98
N HIS B 172 -5.88 -12.85 -37.79
CA HIS B 172 -4.80 -12.78 -38.75
C HIS B 172 -3.50 -13.23 -38.08
N GLY B 173 -2.64 -13.92 -38.84
CA GLY B 173 -1.31 -14.27 -38.38
C GLY B 173 -0.41 -13.03 -38.31
N PHE B 174 0.70 -13.12 -37.59
CA PHE B 174 1.60 -12.00 -37.42
C PHE B 174 2.48 -11.89 -38.67
N PRO B 175 2.58 -10.70 -39.30
CA PRO B 175 3.29 -10.56 -40.57
C PRO B 175 4.81 -10.73 -40.46
N ASN B 176 5.44 -11.05 -41.58
CA ASN B 176 6.87 -11.25 -41.65
C ASN B 176 7.55 -9.92 -41.94
N LEU B 177 8.88 -9.95 -42.12
CA LEU B 177 9.67 -8.74 -42.30
C LEU B 177 9.35 -8.06 -43.62
N HIS B 178 9.17 -8.86 -44.68
CA HIS B 178 8.89 -8.34 -46.01
C HIS B 178 7.62 -7.48 -45.99
N ALA B 179 6.59 -7.97 -45.29
CA ALA B 179 5.32 -7.27 -45.18
C ALA B 179 5.48 -5.97 -44.42
N LEU B 180 6.21 -6.01 -43.30
CA LEU B 180 6.38 -4.86 -42.42
C LEU B 180 7.33 -3.84 -43.03
N ALA B 181 8.34 -4.31 -43.78
CA ALA B 181 9.26 -3.43 -44.48
C ALA B 181 8.62 -2.99 -45.80
N GLY B 182 7.68 -2.04 -45.71
CA GLY B 182 6.92 -1.57 -46.86
C GLY B 182 6.91 -0.04 -46.95
N PRO B 183 6.71 0.54 -48.15
CA PRO B 183 6.77 1.98 -48.33
C PRO B 183 5.60 2.74 -47.71
N GLU B 184 4.39 2.20 -47.82
CA GLU B 184 3.21 2.78 -47.19
C GLU B 184 2.88 2.00 -45.93
N ALA B 185 3.90 1.76 -45.10
CA ALA B 185 3.74 1.03 -43.85
C ALA B 185 3.39 2.00 -42.73
N GLU B 186 4.16 3.09 -42.63
CA GLU B 186 3.98 4.08 -41.59
C GLU B 186 2.66 4.82 -41.80
N THR B 187 2.27 5.02 -43.06
CA THR B 187 1.03 5.69 -43.40
C THR B 187 -0.16 4.90 -42.86
N HIS B 188 -0.14 3.58 -43.08
CA HIS B 188 -1.22 2.70 -42.65
C HIS B 188 -1.18 2.52 -41.13
N LEU B 189 0.04 2.48 -40.56
CA LEU B 189 0.23 2.29 -39.13
C LEU B 189 -0.23 3.53 -38.37
N ARG B 190 0.07 4.72 -38.92
CA ARG B 190 -0.39 5.97 -38.34
C ARG B 190 -1.90 6.10 -38.51
N LYS B 191 -2.42 5.57 -39.63
CA LYS B 191 -3.85 5.52 -39.87
C LYS B 191 -4.52 4.63 -38.82
N LEU B 192 -3.83 3.53 -38.45
CA LEU B 192 -4.29 2.65 -37.38
C LEU B 192 -4.24 3.40 -36.05
N GLY B 193 -3.08 4.01 -35.76
CA GLY B 193 -2.92 4.89 -34.61
C GLY B 193 -1.76 4.46 -33.72
N LEU B 194 -0.59 4.22 -34.32
CA LEU B 194 0.62 3.88 -33.59
C LEU B 194 1.47 5.13 -33.38
N GLY B 195 1.53 5.99 -34.40
CA GLY B 195 2.23 7.25 -34.30
C GLY B 195 3.73 7.10 -34.59
N TYR B 196 4.56 7.46 -33.60
CA TYR B 196 6.00 7.42 -33.74
C TYR B 196 6.50 5.97 -33.72
N ARG B 197 5.68 5.07 -33.16
CA ARG B 197 5.99 3.64 -33.11
C ARG B 197 6.01 3.08 -34.52
N ALA B 198 5.17 3.63 -35.41
CA ALA B 198 5.10 3.20 -36.80
C ALA B 198 6.43 3.43 -37.51
N ARG B 199 7.17 4.45 -37.09
CA ARG B 199 8.48 4.75 -37.66
C ARG B 199 9.45 3.61 -37.39
N TYR B 200 9.42 3.10 -36.15
CA TYR B 200 10.38 2.12 -35.68
C TYR B 200 10.08 0.73 -36.26
N VAL B 201 8.78 0.41 -36.41
CA VAL B 201 8.36 -0.86 -36.96
C VAL B 201 8.93 -1.02 -38.37
N ARG B 202 8.73 -0.01 -39.21
CA ARG B 202 9.20 -0.04 -40.60
C ARG B 202 10.72 -0.02 -40.63
N ALA B 203 11.32 0.81 -39.76
CA ALA B 203 12.77 1.01 -39.75
C ALA B 203 13.49 -0.27 -39.36
N SER B 204 13.05 -0.88 -38.25
CA SER B 204 13.68 -2.07 -37.70
C SER B 204 13.51 -3.25 -38.65
N ALA B 205 12.29 -3.42 -39.18
CA ALA B 205 11.99 -4.49 -40.12
C ALA B 205 12.94 -4.41 -41.32
N LYS B 206 13.10 -3.21 -41.87
CA LYS B 206 13.94 -2.97 -43.03
C LYS B 206 15.40 -3.22 -42.69
N ALA B 207 15.80 -2.89 -41.45
CA ALA B 207 17.18 -3.02 -41.01
C ALA B 207 17.59 -4.50 -40.93
N ILE B 208 16.70 -5.33 -40.37
CA ILE B 208 16.98 -6.75 -40.17
C ILE B 208 17.16 -7.44 -41.51
N LEU B 209 16.37 -7.02 -42.52
CA LEU B 209 16.46 -7.56 -43.85
C LEU B 209 17.77 -7.14 -44.51
N GLU B 210 18.00 -5.82 -44.57
CA GLU B 210 19.11 -5.25 -45.32
C GLU B 210 20.43 -5.48 -44.57
N GLU B 211 20.53 -4.94 -43.36
CA GLU B 211 21.79 -4.87 -42.63
C GLU B 211 22.16 -6.25 -42.08
N GLN B 212 21.24 -6.84 -41.29
CA GLN B 212 21.54 -8.05 -40.54
C GLN B 212 21.46 -9.27 -41.46
N GLY B 213 20.33 -9.41 -42.17
CA GLY B 213 20.17 -10.45 -43.17
C GLY B 213 19.18 -11.52 -42.74
N GLY B 214 17.89 -11.22 -42.88
CA GLY B 214 16.82 -12.20 -42.71
C GLY B 214 16.40 -12.35 -41.25
N PRO B 215 15.31 -13.11 -40.98
CA PRO B 215 14.84 -13.35 -39.62
C PRO B 215 15.59 -14.46 -38.87
N ALA B 216 16.56 -15.08 -39.54
CA ALA B 216 17.43 -16.08 -38.91
C ALA B 216 18.40 -15.40 -37.95
N TRP B 217 18.51 -14.06 -38.05
CA TRP B 217 19.31 -13.27 -37.13
C TRP B 217 18.72 -13.34 -35.72
N LEU B 218 17.39 -13.31 -35.62
CA LEU B 218 16.70 -13.36 -34.33
C LEU B 218 16.88 -14.73 -33.68
N GLN B 219 17.02 -15.77 -34.51
CA GLN B 219 17.25 -17.13 -34.01
C GLN B 219 18.67 -17.24 -33.44
N GLN B 220 19.62 -16.50 -34.05
CA GLN B 220 20.99 -16.46 -33.56
C GLN B 220 21.02 -15.86 -32.16
N LEU B 221 20.18 -14.86 -31.89
CA LEU B 221 20.16 -14.18 -30.61
C LEU B 221 19.60 -15.09 -29.53
N ARG B 222 18.68 -15.98 -29.91
CA ARG B 222 18.04 -16.90 -28.98
C ARG B 222 19.07 -17.89 -28.42
N VAL B 223 20.09 -18.24 -29.24
CA VAL B 223 21.13 -19.17 -28.81
C VAL B 223 22.35 -18.39 -28.31
N ALA B 224 22.51 -17.14 -28.74
CA ALA B 224 23.62 -16.30 -28.32
C ALA B 224 23.45 -15.93 -26.84
N PRO B 225 24.54 -15.54 -26.13
CA PRO B 225 24.44 -15.14 -24.73
C PRO B 225 23.60 -13.88 -24.52
N TYR B 226 23.28 -13.60 -23.25
CA TYR B 226 22.34 -12.55 -22.89
C TYR B 226 22.89 -11.18 -23.24
N GLU B 227 24.18 -10.96 -22.93
CA GLU B 227 24.80 -9.65 -23.09
C GLU B 227 24.91 -9.30 -24.57
N GLU B 228 25.17 -10.30 -25.40
CA GLU B 228 25.32 -10.11 -26.84
C GLU B 228 23.95 -9.86 -27.47
N ALA B 229 22.96 -10.67 -27.08
CA ALA B 229 21.61 -10.58 -27.59
C ALA B 229 21.01 -9.21 -27.27
N HIS B 230 21.20 -8.76 -26.03
CA HIS B 230 20.68 -7.47 -25.57
C HIS B 230 21.36 -6.34 -26.32
N LYS B 231 22.68 -6.46 -26.54
CA LYS B 231 23.45 -5.45 -27.25
C LYS B 231 23.00 -5.36 -28.70
N ALA B 232 22.74 -6.53 -29.31
CA ALA B 232 22.35 -6.62 -30.71
C ALA B 232 21.00 -5.96 -30.94
N LEU B 233 20.05 -6.17 -30.00
CA LEU B 233 18.69 -5.66 -30.14
C LEU B 233 18.66 -4.14 -30.02
N CYS B 234 19.59 -3.57 -29.24
CA CYS B 234 19.59 -2.15 -28.95
C CYS B 234 19.93 -1.32 -30.19
N THR B 235 20.65 -1.92 -31.14
CA THR B 235 21.05 -1.25 -32.36
C THR B 235 19.85 -1.04 -33.29
N LEU B 236 18.75 -1.78 -33.06
CA LEU B 236 17.55 -1.64 -33.86
C LEU B 236 16.83 -0.34 -33.51
N PRO B 237 16.33 0.41 -34.53
CA PRO B 237 15.52 1.60 -34.28
C PRO B 237 14.34 1.38 -33.35
N GLY B 238 14.22 2.23 -32.33
CA GLY B 238 13.10 2.20 -31.42
C GLY B 238 13.19 1.06 -30.40
N VAL B 239 14.41 0.59 -30.15
CA VAL B 239 14.64 -0.48 -29.19
C VAL B 239 15.66 0.00 -28.16
N GLY B 240 15.16 0.35 -26.96
CA GLY B 240 16.00 0.69 -25.83
C GLY B 240 16.36 -0.56 -25.03
N ALA B 241 16.93 -0.34 -23.84
CA ALA B 241 17.32 -1.43 -22.95
C ALA B 241 16.07 -2.17 -22.45
N LYS B 242 14.99 -1.42 -22.22
CA LYS B 242 13.77 -1.96 -21.64
C LYS B 242 13.13 -2.97 -22.58
N VAL B 243 12.99 -2.59 -23.86
CA VAL B 243 12.37 -3.43 -24.86
C VAL B 243 13.30 -4.60 -25.19
N ALA B 244 14.62 -4.35 -25.15
CA ALA B 244 15.61 -5.37 -25.39
C ALA B 244 15.52 -6.47 -24.34
N ASP B 245 15.28 -6.06 -23.07
CA ASP B 245 15.17 -7.00 -21.97
C ASP B 245 13.87 -7.78 -22.07
N CYS B 246 12.80 -7.12 -22.54
CA CYS B 246 11.51 -7.77 -22.73
C CYS B 246 11.61 -8.88 -23.77
N ILE B 247 12.25 -8.57 -24.91
CA ILE B 247 12.45 -9.52 -26.00
C ILE B 247 13.36 -10.64 -25.51
N CYS B 248 14.47 -10.28 -24.85
CA CYS B 248 15.43 -11.23 -24.33
C CYS B 248 14.76 -12.22 -23.37
N LEU B 249 13.85 -11.71 -22.53
CA LEU B 249 13.22 -12.52 -21.49
C LEU B 249 12.17 -13.44 -22.09
N MET B 250 11.38 -12.93 -23.05
CA MET B 250 10.11 -13.54 -23.43
C MET B 250 10.22 -14.28 -24.75
N ALA B 251 11.39 -14.20 -25.41
CA ALA B 251 11.53 -14.74 -26.77
C ALA B 251 12.88 -15.42 -26.96
N LEU B 252 13.97 -14.82 -26.44
CA LEU B 252 15.32 -15.30 -26.68
C LEU B 252 15.81 -16.17 -25.53
N ASP B 253 14.90 -16.63 -24.66
CA ASP B 253 15.22 -17.56 -23.59
C ASP B 253 16.37 -17.02 -22.74
N LYS B 254 16.20 -15.79 -22.24
CA LYS B 254 17.09 -15.24 -21.22
C LYS B 254 16.28 -15.02 -19.94
N PRO B 255 16.15 -16.04 -19.06
CA PRO B 255 15.33 -15.90 -17.84
C PRO B 255 15.85 -14.87 -16.83
N GLN B 256 17.12 -14.48 -16.97
CA GLN B 256 17.75 -13.56 -16.05
C GLN B 256 17.48 -12.10 -16.45
N ALA B 257 16.90 -11.90 -17.65
CA ALA B 257 16.64 -10.57 -18.16
C ALA B 257 15.52 -9.91 -17.36
N VAL B 258 15.82 -8.74 -16.78
CA VAL B 258 14.87 -7.99 -15.97
C VAL B 258 14.60 -6.66 -16.65
N PRO B 259 13.46 -6.50 -17.38
CA PRO B 259 13.08 -5.21 -17.95
C PRO B 259 12.83 -4.13 -16.89
N VAL B 260 13.63 -3.06 -16.94
CA VAL B 260 13.54 -1.98 -15.97
C VAL B 260 12.91 -0.76 -16.63
N ASP B 261 11.79 -0.31 -16.04
CA ASP B 261 11.08 0.88 -16.46
C ASP B 261 10.68 1.67 -15.20
N VAL B 262 9.78 2.63 -15.36
CA VAL B 262 9.35 3.49 -14.26
C VAL B 262 8.61 2.67 -13.20
N HIS B 263 7.89 1.64 -13.63
CA HIS B 263 7.01 0.88 -12.74
C HIS B 263 7.84 0.07 -11.75
N VAL B 264 8.84 -0.67 -12.24
CA VAL B 264 9.64 -1.54 -11.39
C VAL B 264 10.52 -0.70 -10.47
N TRP B 265 10.86 0.52 -10.90
CA TRP B 265 11.56 1.48 -10.07
C TRP B 265 10.79 1.76 -8.78
N GLN B 266 9.49 2.04 -8.90
CA GLN B 266 8.69 2.46 -7.76
C GLN B 266 8.43 1.26 -6.86
N ILE B 267 8.33 0.06 -7.47
CA ILE B 267 8.19 -1.18 -6.72
C ILE B 267 9.50 -1.46 -5.98
N ALA B 268 10.62 -1.35 -6.70
CA ALA B 268 11.94 -1.59 -6.13
C ALA B 268 12.19 -0.62 -4.98
N HIS B 269 11.82 0.65 -5.16
CA HIS B 269 12.02 1.67 -4.15
C HIS B 269 11.13 1.40 -2.95
N ARG B 270 9.85 1.13 -3.20
CA ARG B 270 8.84 1.03 -2.16
C ARG B 270 9.03 -0.26 -1.36
N ASP B 271 9.10 -1.39 -2.06
CA ASP B 271 8.99 -2.71 -1.45
C ASP B 271 10.35 -3.25 -1.02
N TYR B 272 11.44 -2.74 -1.61
CA TYR B 272 12.78 -3.25 -1.33
C TYR B 272 13.70 -2.17 -0.76
N GLY B 273 13.29 -0.89 -0.86
CA GLY B 273 14.05 0.20 -0.27
C GLY B 273 15.32 0.51 -1.06
N TRP B 274 15.25 0.37 -2.39
CA TRP B 274 16.41 0.47 -3.26
C TRP B 274 16.59 1.90 -3.75
N HIS B 275 17.82 2.41 -3.63
CA HIS B 275 18.22 3.65 -4.29
C HIS B 275 19.52 3.40 -5.05
N PRO B 276 19.76 4.11 -6.17
CA PRO B 276 21.01 3.97 -6.93
C PRO B 276 22.16 4.75 -6.31
N LYS B 277 23.33 4.68 -6.97
CA LYS B 277 24.49 5.46 -6.60
C LYS B 277 24.70 6.55 -7.65
N THR B 278 24.65 7.83 -7.22
CA THR B 278 24.74 8.97 -8.11
C THR B 278 23.60 8.91 -9.14
N PRO B 284 15.37 7.93 -12.83
CA PRO B 284 15.79 6.90 -13.80
C PRO B 284 16.89 7.39 -14.74
N SER B 285 17.82 6.49 -15.06
CA SER B 285 18.89 6.75 -16.01
C SER B 285 19.45 5.43 -16.51
N PRO B 286 20.19 5.41 -17.65
CA PRO B 286 20.73 4.16 -18.20
C PRO B 286 21.52 3.32 -17.20
N LEU B 287 22.39 3.98 -16.42
CA LEU B 287 23.28 3.30 -15.49
C LEU B 287 22.52 2.82 -14.27
N ALA B 288 21.57 3.66 -13.81
CA ALA B 288 20.75 3.31 -12.65
C ALA B 288 19.79 2.18 -12.99
N ASN B 289 19.26 2.20 -14.22
CA ASN B 289 18.39 1.15 -14.72
C ASN B 289 19.14 -0.18 -14.74
N LYS B 290 20.36 -0.15 -15.28
CA LYS B 290 21.20 -1.33 -15.42
C LYS B 290 21.57 -1.88 -14.05
N GLU B 291 21.81 -0.98 -13.09
CA GLU B 291 22.15 -1.35 -11.72
C GLU B 291 20.96 -2.04 -11.04
N LEU B 292 19.75 -1.60 -11.36
CA LEU B 292 18.55 -2.13 -10.74
C LEU B 292 18.28 -3.55 -11.23
N GLY B 293 18.56 -3.80 -12.51
CA GLY B 293 18.42 -5.14 -13.08
C GLY B 293 19.41 -6.13 -12.46
N ASN B 294 20.62 -5.63 -12.17
CA ASN B 294 21.64 -6.43 -11.51
C ASN B 294 21.22 -6.74 -10.08
N PHE B 295 20.57 -5.77 -9.41
CA PHE B 295 20.10 -5.93 -8.06
C PHE B 295 19.18 -7.15 -7.96
N PHE B 296 18.20 -7.22 -8.87
CA PHE B 296 17.19 -8.28 -8.83
C PHE B 296 17.80 -9.61 -9.24
N ARG B 297 18.73 -9.61 -10.21
CA ARG B 297 19.46 -10.82 -10.57
C ARG B 297 20.21 -11.36 -9.35
N ASN B 298 20.87 -10.46 -8.60
CA ASN B 298 21.60 -10.83 -7.39
C ASN B 298 20.65 -11.40 -6.34
N LEU B 299 19.43 -10.85 -6.27
CA LEU B 299 18.47 -11.25 -5.26
C LEU B 299 17.80 -12.57 -5.62
N TRP B 300 17.29 -12.66 -6.87
CA TRP B 300 16.42 -13.75 -7.27
C TRP B 300 17.21 -14.88 -7.93
N GLY B 301 18.27 -14.54 -8.65
CA GLY B 301 19.12 -15.53 -9.28
C GLY B 301 18.94 -15.54 -10.80
N PRO B 302 19.11 -16.71 -11.46
CA PRO B 302 19.11 -16.80 -12.93
C PRO B 302 17.75 -16.71 -13.61
N TYR B 303 16.66 -16.80 -12.83
CA TYR B 303 15.31 -16.63 -13.37
C TYR B 303 14.68 -15.36 -12.79
N ALA B 304 15.45 -14.27 -12.77
CA ALA B 304 15.03 -13.02 -12.14
C ALA B 304 13.84 -12.41 -12.88
N GLY B 305 13.83 -12.56 -14.21
CA GLY B 305 12.75 -12.05 -15.04
C GLY B 305 11.42 -12.72 -14.75
N TRP B 306 11.47 -14.02 -14.44
CA TRP B 306 10.29 -14.79 -14.10
C TRP B 306 9.72 -14.30 -12.77
N ALA B 307 10.61 -14.08 -11.80
CA ALA B 307 10.23 -13.57 -10.49
C ALA B 307 9.49 -12.24 -10.62
N GLN B 308 10.04 -11.34 -11.45
CA GLN B 308 9.44 -10.04 -11.68
C GLN B 308 8.00 -10.20 -12.17
N ALA B 309 7.78 -11.15 -13.09
CA ALA B 309 6.48 -11.35 -13.73
C ALA B 309 5.40 -11.65 -12.70
N VAL B 310 5.78 -12.33 -11.61
CA VAL B 310 4.85 -12.67 -10.54
C VAL B 310 4.42 -11.39 -9.82
N LEU B 311 5.40 -10.52 -9.53
CA LEU B 311 5.14 -9.26 -8.84
C LEU B 311 4.42 -8.28 -9.77
N PHE B 312 4.77 -8.33 -11.06
CA PHE B 312 4.14 -7.49 -12.07
C PHE B 312 2.66 -7.86 -12.21
N SER B 313 2.37 -9.16 -12.12
CA SER B 313 1.01 -9.67 -12.22
C SER B 313 0.25 -9.48 -10.90
N ALA B 314 1.00 -9.23 -9.81
CA ALA B 314 0.41 -8.99 -8.50
C ALA B 314 -0.20 -7.58 -8.43
N ASP B 315 0.50 -6.61 -9.03
CA ASP B 315 0.06 -5.21 -9.00
C ASP B 315 -1.26 -5.06 -9.76
N LEU B 316 -1.42 -5.79 -10.85
CA LEU B 316 -2.63 -5.73 -11.67
C LEU B 316 -3.76 -6.47 -10.94
N GLY C 1 -0.89 -42.08 38.23
CA GLY C 1 -1.89 -40.99 38.11
C GLY C 1 -2.58 -41.01 36.75
N SER C 2 -3.76 -40.40 36.69
CA SER C 2 -4.58 -40.40 35.48
C SER C 2 -3.94 -39.54 34.40
N HIS C 3 -4.38 -39.75 33.16
CA HIS C 3 -4.00 -38.93 32.03
C HIS C 3 -4.60 -37.53 32.19
N MET C 4 -3.73 -36.51 32.15
CA MET C 4 -4.13 -35.12 32.27
C MET C 4 -4.30 -34.52 30.87
N ARG C 5 -5.30 -33.64 30.72
CA ARG C 5 -5.58 -32.99 29.46
C ARG C 5 -5.42 -31.48 29.62
N HIS C 6 -5.27 -30.78 28.49
CA HIS C 6 -5.30 -29.33 28.45
C HIS C 6 -6.69 -28.86 28.86
N ARG C 7 -6.74 -27.90 29.80
CA ARG C 7 -7.99 -27.44 30.38
C ARG C 7 -8.60 -26.35 29.50
N THR C 8 -9.92 -26.16 29.65
CA THR C 8 -10.65 -25.06 29.03
C THR C 8 -11.56 -24.43 30.07
N LEU C 9 -12.27 -23.37 29.68
CA LEU C 9 -13.04 -22.56 30.62
C LEU C 9 -14.24 -23.34 31.15
N SER C 10 -14.88 -24.12 30.27
CA SER C 10 -16.06 -24.90 30.64
C SER C 10 -15.73 -26.38 30.78
N SER C 11 -14.45 -26.69 31.05
CA SER C 11 -14.03 -28.06 31.31
C SER C 11 -13.43 -28.21 32.71
N SER C 12 -13.22 -27.09 33.40
CA SER C 12 -12.66 -27.13 34.75
C SER C 12 -12.92 -25.80 35.46
N PRO C 13 -14.18 -25.31 35.52
CA PRO C 13 -14.48 -23.93 35.90
C PRO C 13 -13.98 -23.49 37.28
N ALA C 14 -13.80 -24.45 38.20
CA ALA C 14 -13.41 -24.15 39.56
C ALA C 14 -11.94 -23.74 39.65
N LEU C 15 -11.08 -24.40 38.86
CA LEU C 15 -9.64 -24.24 38.96
C LEU C 15 -9.20 -22.90 38.37
N TRP C 16 -9.99 -22.34 37.45
CA TRP C 16 -9.63 -21.09 36.78
C TRP C 16 -9.88 -19.91 37.72
N ALA C 17 -8.82 -19.11 37.93
CA ALA C 17 -8.94 -17.79 38.53
C ALA C 17 -9.15 -16.76 37.42
N SER C 18 -9.30 -15.49 37.80
CA SER C 18 -9.49 -14.42 36.83
C SER C 18 -8.74 -13.17 37.27
N ILE C 19 -8.17 -12.46 36.28
CA ILE C 19 -7.65 -11.12 36.47
C ILE C 19 -8.48 -10.19 35.58
N PRO C 20 -9.07 -9.10 36.13
CA PRO C 20 -9.85 -8.17 35.32
C PRO C 20 -8.95 -7.38 34.38
N CYS C 21 -9.08 -7.65 33.07
CA CYS C 21 -8.17 -7.10 32.07
C CYS C 21 -8.90 -7.00 30.73
N PRO C 22 -9.30 -5.79 30.29
CA PRO C 22 -9.96 -5.61 28.99
C PRO C 22 -9.13 -6.14 27.82
N ARG C 23 -9.83 -6.49 26.72
CA ARG C 23 -9.20 -7.00 25.52
C ARG C 23 -8.37 -5.90 24.87
N SER C 24 -8.77 -4.64 25.08
CA SER C 24 -8.06 -3.50 24.52
C SER C 24 -6.70 -3.28 25.20
N GLU C 25 -6.57 -3.76 26.45
CA GLU C 25 -5.33 -3.64 27.20
C GLU C 25 -4.40 -4.81 26.89
N LEU C 26 -4.95 -5.95 26.46
CA LEU C 26 -4.15 -7.14 26.17
C LEU C 26 -4.93 -8.09 25.27
N ARG C 27 -4.32 -8.44 24.13
CA ARG C 27 -4.78 -9.53 23.28
C ARG C 27 -3.72 -10.64 23.29
N LEU C 28 -4.15 -11.84 23.71
CA LEU C 28 -3.25 -12.97 23.86
C LEU C 28 -2.74 -13.44 22.50
N ASP C 29 -3.61 -13.34 21.48
CA ASP C 29 -3.32 -13.88 20.16
C ASP C 29 -2.41 -12.95 19.37
N LEU C 30 -2.08 -11.77 19.93
CA LEU C 30 -1.20 -10.81 19.28
C LEU C 30 0.10 -10.63 20.07
N VAL C 31 0.30 -11.43 21.12
CA VAL C 31 1.46 -11.27 22.00
C VAL C 31 2.22 -12.59 22.13
N LEU C 32 1.49 -13.68 22.37
CA LEU C 32 2.10 -14.95 22.79
C LEU C 32 2.80 -15.63 21.63
N ALA C 33 2.27 -15.48 20.41
CA ALA C 33 2.88 -16.08 19.23
C ALA C 33 3.38 -14.99 18.27
N SER C 34 3.84 -13.87 18.85
CA SER C 34 4.13 -12.66 18.10
C SER C 34 5.64 -12.42 18.00
N GLY C 35 6.44 -13.47 18.24
CA GLY C 35 7.88 -13.41 18.10
C GLY C 35 8.59 -12.88 19.35
N GLN C 36 7.87 -12.78 20.46
CA GLN C 36 8.46 -12.38 21.73
C GLN C 36 9.00 -13.62 22.42
N SER C 37 8.09 -14.50 22.88
CA SER C 37 8.46 -15.82 23.38
C SER C 37 7.92 -16.87 22.42
N PHE C 38 8.52 -18.07 22.48
CA PHE C 38 8.20 -19.14 21.55
C PHE C 38 7.69 -20.36 22.32
N ARG C 39 7.25 -20.13 23.56
CA ARG C 39 6.90 -21.21 24.49
C ARG C 39 5.41 -21.55 24.35
N TRP C 40 4.59 -20.56 23.98
CA TRP C 40 3.14 -20.70 24.00
C TRP C 40 2.62 -21.29 22.69
N LYS C 41 1.66 -22.20 22.80
CA LYS C 41 0.91 -22.71 21.66
C LYS C 41 -0.58 -22.68 21.98
N GLU C 42 -1.39 -22.57 20.92
CA GLU C 42 -2.84 -22.62 21.03
C GLU C 42 -3.29 -24.07 20.83
N GLN C 43 -3.41 -24.81 21.94
CA GLN C 43 -3.69 -26.23 21.90
C GLN C 43 -5.16 -26.46 21.53
N SER C 44 -6.05 -25.71 22.19
CA SER C 44 -7.45 -25.63 21.78
C SER C 44 -7.80 -24.19 21.46
N PRO C 45 -8.89 -23.91 20.72
CA PRO C 45 -9.23 -22.54 20.31
C PRO C 45 -9.37 -21.56 21.47
N ALA C 46 -8.64 -20.43 21.36
CA ALA C 46 -8.71 -19.34 22.33
C ALA C 46 -8.11 -19.76 23.67
N HIS C 47 -7.20 -20.74 23.66
CA HIS C 47 -6.57 -21.25 24.86
C HIS C 47 -5.07 -21.42 24.61
N TRP C 48 -4.26 -20.73 25.42
CA TRP C 48 -2.82 -20.63 25.21
C TRP C 48 -2.09 -21.32 26.35
N SER C 49 -1.32 -22.38 26.03
CA SER C 49 -0.65 -23.19 27.04
C SER C 49 0.87 -23.13 26.83
N GLY C 50 1.59 -22.86 27.93
CA GLY C 50 3.04 -22.77 27.89
C GLY C 50 3.66 -22.74 29.29
N VAL C 51 4.99 -22.85 29.36
CA VAL C 51 5.72 -22.85 30.61
C VAL C 51 5.97 -21.41 31.03
N LEU C 52 6.05 -21.18 32.34
CA LEU C 52 6.36 -19.88 32.90
C LEU C 52 6.87 -20.06 34.33
N ALA C 53 8.19 -20.02 34.49
CA ALA C 53 8.86 -20.18 35.78
C ALA C 53 8.65 -21.60 36.31
N ASP C 54 9.05 -22.59 35.50
CA ASP C 54 8.97 -24.00 35.85
C ASP C 54 7.56 -24.39 36.25
N GLN C 55 6.57 -23.82 35.55
CA GLN C 55 5.16 -24.10 35.79
C GLN C 55 4.39 -23.92 34.47
N VAL C 56 3.61 -24.95 34.10
CA VAL C 56 2.76 -24.87 32.92
C VAL C 56 1.51 -24.08 33.30
N TRP C 57 1.11 -23.15 32.41
CA TRP C 57 -0.13 -22.41 32.55
C TRP C 57 -1.01 -22.66 31.33
N THR C 58 -2.29 -22.26 31.43
CA THR C 58 -3.14 -22.06 30.27
C THR C 58 -3.91 -20.76 30.46
N LEU C 59 -4.02 -19.98 29.38
CA LEU C 59 -4.57 -18.63 29.43
C LEU C 59 -5.70 -18.50 28.42
N THR C 60 -6.73 -17.74 28.81
CA THR C 60 -7.82 -17.35 27.93
C THR C 60 -8.43 -16.06 28.44
N GLN C 61 -9.38 -15.49 27.67
CA GLN C 61 -9.90 -14.17 27.96
C GLN C 61 -11.30 -14.01 27.39
N THR C 62 -12.12 -13.22 28.09
CA THR C 62 -13.35 -12.67 27.57
C THR C 62 -13.13 -11.17 27.33
N GLU C 63 -14.22 -10.43 27.09
CA GLU C 63 -14.14 -9.00 26.87
C GLU C 63 -13.60 -8.31 28.13
N ASP C 64 -14.03 -8.80 29.30
CA ASP C 64 -13.77 -8.13 30.57
C ASP C 64 -12.56 -8.75 31.27
N GLN C 65 -12.55 -10.08 31.40
CA GLN C 65 -11.63 -10.77 32.29
C GLN C 65 -10.58 -11.55 31.51
N LEU C 66 -9.44 -11.80 32.18
CA LEU C 66 -8.41 -12.71 31.70
C LEU C 66 -8.39 -13.94 32.61
N TYR C 67 -8.90 -15.07 32.10
CA TYR C 67 -8.96 -16.30 32.86
C TYR C 67 -7.66 -17.08 32.68
N CYS C 68 -7.15 -17.65 33.78
CA CYS C 68 -5.91 -18.40 33.76
C CYS C 68 -6.00 -19.60 34.70
N THR C 69 -5.31 -20.68 34.34
CA THR C 69 -5.20 -21.86 35.18
C THR C 69 -3.74 -22.32 35.20
N VAL C 70 -3.36 -22.97 36.31
CA VAL C 70 -2.00 -23.47 36.49
C VAL C 70 -2.07 -24.95 36.84
N TYR C 71 -1.05 -25.71 36.40
CA TYR C 71 -0.98 -27.14 36.63
C TYR C 71 0.04 -27.42 37.74
N ARG C 72 -0.30 -28.38 38.60
CA ARG C 72 0.52 -28.70 39.77
C ARG C 72 0.89 -30.18 39.75
N VAL C 78 -4.35 -30.52 42.57
CA VAL C 78 -4.95 -29.51 41.65
C VAL C 78 -5.72 -28.48 42.50
N SER C 79 -5.51 -27.19 42.19
CA SER C 79 -6.12 -26.11 42.95
C SER C 79 -6.07 -24.81 42.14
N ARG C 80 -6.76 -23.78 42.66
CA ARG C 80 -6.85 -22.48 42.03
C ARG C 80 -5.54 -21.70 42.24
N PRO C 81 -5.08 -20.92 41.24
CA PRO C 81 -3.91 -20.05 41.42
C PRO C 81 -3.98 -19.16 42.66
N THR C 82 -2.88 -19.11 43.41
CA THR C 82 -2.80 -18.36 44.66
C THR C 82 -2.59 -16.87 44.35
N LEU C 83 -2.59 -16.05 45.40
CA LEU C 83 -2.35 -14.62 45.27
C LEU C 83 -0.91 -14.36 44.83
N GLU C 84 0.00 -15.25 45.20
CA GLU C 84 1.41 -15.13 44.85
C GLU C 84 1.61 -15.38 43.35
N GLU C 85 0.91 -16.40 42.82
CA GLU C 85 1.06 -16.80 41.42
C GLU C 85 0.37 -15.81 40.50
N LEU C 86 -0.67 -15.12 41.00
CA LEU C 86 -1.34 -14.08 40.25
C LEU C 86 -0.46 -12.84 40.16
N GLU C 87 0.45 -12.67 41.12
CA GLU C 87 1.45 -11.61 41.08
C GLU C 87 2.46 -11.87 39.96
N THR C 88 2.79 -13.15 39.75
CA THR C 88 3.75 -13.56 38.73
C THR C 88 3.23 -13.20 37.34
N LEU C 89 1.96 -13.56 37.08
CA LEU C 89 1.35 -13.38 35.77
C LEU C 89 1.08 -11.90 35.50
N HIS C 90 0.79 -11.14 36.56
CA HIS C 90 0.52 -9.72 36.45
C HIS C 90 1.82 -8.96 36.14
N LYS C 91 2.94 -9.45 36.68
CA LYS C 91 4.26 -8.87 36.43
C LYS C 91 4.78 -9.32 35.07
N TYR C 92 4.28 -10.46 34.58
CA TYR C 92 4.70 -11.02 33.31
C TYR C 92 4.16 -10.19 32.15
N PHE C 93 2.87 -9.83 32.23
CA PHE C 93 2.20 -9.06 31.18
C PHE C 93 2.38 -7.56 31.42
N GLN C 94 2.84 -7.18 32.62
CA GLN C 94 3.08 -5.78 32.94
C GLN C 94 1.79 -4.99 32.77
N LEU C 95 0.75 -5.40 33.51
CA LEU C 95 -0.60 -4.90 33.30
C LEU C 95 -0.81 -3.56 34.01
N ASP C 96 0.19 -3.13 34.80
CA ASP C 96 0.18 -1.80 35.40
C ASP C 96 0.27 -0.74 34.30
N VAL C 97 1.10 -1.01 33.27
CA VAL C 97 1.31 -0.09 32.17
C VAL C 97 0.04 -0.04 31.32
N SER C 98 -0.42 1.18 31.03
CA SER C 98 -1.65 1.40 30.26
C SER C 98 -1.31 1.57 28.79
N LEU C 99 -2.12 0.94 27.92
CA LEU C 99 -1.97 1.04 26.48
C LEU C 99 -2.95 2.09 25.92
N ALA C 100 -4.12 2.23 26.56
CA ALA C 100 -5.13 3.19 26.12
C ALA C 100 -4.54 4.60 26.06
N GLN C 101 -3.65 4.92 27.01
CA GLN C 101 -3.03 6.23 27.08
C GLN C 101 -1.82 6.30 26.15
N LEU C 102 -1.09 5.18 26.00
CA LEU C 102 0.06 5.12 25.11
C LEU C 102 -0.40 5.21 23.65
N TYR C 103 -1.51 4.56 23.33
CA TYR C 103 -2.09 4.61 21.99
C TYR C 103 -2.53 6.03 21.67
N SER C 104 -2.95 6.80 22.69
CA SER C 104 -3.30 8.20 22.54
C SER C 104 -2.04 9.05 22.37
N HIS C 105 -0.96 8.67 23.06
CA HIS C 105 0.31 9.38 23.00
C HIS C 105 0.94 9.22 21.62
N TRP C 106 0.98 7.97 21.12
CA TRP C 106 1.63 7.66 19.86
C TRP C 106 0.81 8.19 18.68
N ALA C 107 -0.53 8.06 18.77
CA ALA C 107 -1.42 8.46 17.69
C ALA C 107 -1.45 9.98 17.54
N SER C 108 -1.18 10.69 18.64
CA SER C 108 -1.16 12.14 18.64
C SER C 108 0.08 12.67 17.91
N VAL C 109 1.17 11.91 17.95
CA VAL C 109 2.46 12.35 17.42
C VAL C 109 2.89 11.45 16.27
N ASP C 110 1.93 10.77 15.63
CA ASP C 110 2.21 9.90 14.49
C ASP C 110 0.90 9.54 13.80
N SER C 111 0.72 10.04 12.57
CA SER C 111 -0.49 9.81 11.80
C SER C 111 -0.55 8.36 11.31
N HIS C 112 0.61 7.80 10.97
CA HIS C 112 0.71 6.45 10.44
C HIS C 112 0.23 5.45 11.50
N PHE C 113 0.70 5.63 12.74
CA PHE C 113 0.38 4.73 13.84
C PHE C 113 -1.12 4.79 14.16
N GLN C 114 -1.70 5.99 14.07
CA GLN C 114 -3.12 6.20 14.34
C GLN C 114 -3.95 5.20 13.53
N ARG C 115 -3.68 5.15 12.22
CA ARG C 115 -4.47 4.35 11.29
C ARG C 115 -4.23 2.86 11.53
N VAL C 116 -2.95 2.48 11.75
CA VAL C 116 -2.54 1.09 11.82
C VAL C 116 -2.96 0.48 13.15
N ALA C 117 -2.82 1.24 14.25
CA ALA C 117 -2.99 0.72 15.59
C ALA C 117 -4.47 0.55 15.94
N GLN C 118 -5.36 1.18 15.16
CA GLN C 118 -6.79 1.07 15.37
C GLN C 118 -7.23 -0.40 15.35
N LYS C 119 -6.67 -1.18 14.42
CA LYS C 119 -7.07 -2.56 14.20
C LYS C 119 -6.41 -3.48 15.23
N PHE C 120 -5.22 -3.11 15.71
CA PHE C 120 -4.40 -3.97 16.55
C PHE C 120 -4.24 -3.35 17.93
N GLN C 121 -5.25 -3.57 18.79
CA GLN C 121 -5.24 -3.06 20.16
C GLN C 121 -4.77 -4.16 21.11
N GLY C 122 -4.25 -3.73 22.27
CA GLY C 122 -3.82 -4.66 23.30
C GLY C 122 -2.55 -5.42 22.91
N VAL C 123 -1.60 -4.72 22.30
CA VAL C 123 -0.31 -5.30 21.94
C VAL C 123 0.75 -4.71 22.86
N ARG C 124 1.06 -5.45 23.93
CA ARG C 124 2.08 -5.07 24.89
C ARG C 124 3.21 -6.09 24.83
N LEU C 125 4.25 -5.87 25.63
CA LEU C 125 5.38 -6.79 25.67
C LEU C 125 5.38 -7.58 26.97
N LEU C 126 5.88 -8.82 26.88
CA LEU C 126 6.00 -9.73 28.01
C LEU C 126 7.31 -9.46 28.72
N ARG C 127 7.31 -9.57 30.06
CA ARG C 127 8.53 -9.50 30.84
C ARG C 127 9.10 -10.91 30.97
N GLN C 128 9.92 -11.29 29.98
CA GLN C 128 10.48 -12.63 29.90
C GLN C 128 11.64 -12.77 30.88
N ASP C 129 11.97 -14.02 31.22
CA ASP C 129 13.10 -14.32 32.08
C ASP C 129 14.39 -14.02 31.32
N PRO C 130 15.25 -13.11 31.83
CA PRO C 130 16.50 -12.74 31.16
C PRO C 130 17.30 -13.91 30.60
N THR C 131 17.39 -15.01 31.36
CA THR C 131 18.10 -16.21 30.93
C THR C 131 17.36 -16.86 29.77
N GLU C 132 16.02 -16.92 29.87
CA GLU C 132 15.18 -17.55 28.88
C GLU C 132 15.24 -16.78 27.57
N CYS C 133 15.16 -15.45 27.66
CA CYS C 133 15.11 -14.58 26.49
C CYS C 133 16.45 -14.58 25.75
N LEU C 134 17.55 -14.68 26.51
CA LEU C 134 18.89 -14.51 25.96
C LEU C 134 19.24 -15.67 25.04
N PHE C 135 19.09 -16.90 25.54
CA PHE C 135 19.49 -18.10 24.81
C PHE C 135 18.52 -18.39 23.67
N SER C 136 17.30 -17.84 23.75
CA SER C 136 16.27 -18.06 22.74
C SER C 136 16.62 -17.34 21.44
N PHE C 137 17.00 -16.06 21.55
CA PHE C 137 17.22 -15.21 20.39
C PHE C 137 18.59 -15.47 19.76
N ILE C 138 19.47 -16.18 20.48
CA ILE C 138 20.72 -16.67 19.91
C ILE C 138 20.39 -17.75 18.88
N CYS C 139 19.28 -18.46 19.08
CA CYS C 139 18.82 -19.49 18.17
C CYS C 139 17.85 -18.90 17.14
N SER C 140 18.29 -17.85 16.44
CA SER C 140 17.45 -17.15 15.49
C SER C 140 18.32 -16.40 14.48
N SER C 141 19.03 -17.15 13.63
CA SER C 141 19.86 -16.58 12.58
C SER C 141 19.01 -16.40 11.32
N ASN C 142 18.22 -15.32 11.30
CA ASN C 142 17.33 -14.99 10.19
C ASN C 142 16.31 -16.12 9.99
N ASN C 143 15.83 -16.69 11.11
CA ASN C 143 14.86 -17.76 11.08
C ASN C 143 13.46 -17.18 11.21
N ASN C 144 12.46 -17.97 10.80
CA ASN C 144 11.06 -17.65 11.03
C ASN C 144 10.67 -18.14 12.41
N ILE C 145 9.43 -17.87 12.81
CA ILE C 145 8.96 -18.16 14.17
C ILE C 145 8.83 -19.67 14.35
N ALA C 146 8.35 -20.36 13.30
CA ALA C 146 8.07 -21.79 13.36
C ALA C 146 9.35 -22.58 13.60
N ARG C 147 10.45 -22.17 12.96
CA ARG C 147 11.73 -22.84 13.07
C ARG C 147 12.35 -22.57 14.45
N ILE C 148 12.26 -21.31 14.90
CA ILE C 148 12.86 -20.90 16.17
C ILE C 148 12.14 -21.57 17.34
N THR C 149 10.83 -21.81 17.17
CA THR C 149 10.02 -22.48 18.19
C THR C 149 10.49 -23.92 18.36
N GLY C 150 10.83 -24.58 17.25
CA GLY C 150 11.30 -25.96 17.26
C GLY C 150 12.58 -26.13 18.06
N MET C 151 13.56 -25.24 17.83
CA MET C 151 14.87 -25.33 18.45
C MET C 151 14.76 -25.10 19.95
N VAL C 152 13.95 -24.12 20.36
CA VAL C 152 13.80 -23.73 21.75
C VAL C 152 13.11 -24.86 22.52
N GLU C 153 12.17 -25.55 21.87
CA GLU C 153 11.44 -26.66 22.49
C GLU C 153 12.43 -27.78 22.83
N ARG C 154 13.23 -28.18 21.84
CA ARG C 154 14.16 -29.28 21.99
C ARG C 154 15.34 -28.87 22.88
N LEU C 155 15.59 -27.56 23.00
CA LEU C 155 16.62 -27.04 23.89
C LEU C 155 16.19 -27.24 25.35
N CYS C 156 14.88 -27.18 25.60
CA CYS C 156 14.33 -27.38 26.93
C CYS C 156 14.19 -28.88 27.24
N GLN C 157 13.99 -29.69 26.20
CA GLN C 157 13.88 -31.13 26.36
C GLN C 157 15.19 -31.73 26.86
N ALA C 158 16.30 -31.34 26.21
CA ALA C 158 17.59 -31.94 26.46
C ALA C 158 18.13 -31.51 27.82
N PHE C 159 18.29 -30.20 28.02
CA PHE C 159 18.96 -29.65 29.19
C PHE C 159 17.97 -29.38 30.33
N GLY C 160 16.73 -29.00 29.97
CA GLY C 160 15.77 -28.50 30.94
C GLY C 160 15.09 -29.62 31.73
N PRO C 161 14.57 -29.32 32.94
CA PRO C 161 13.88 -30.31 33.77
C PRO C 161 12.42 -30.53 33.36
N ARG C 162 11.99 -31.79 33.37
CA ARG C 162 10.63 -32.17 33.01
C ARG C 162 9.66 -31.65 34.09
N LEU C 163 8.56 -31.04 33.64
CA LEU C 163 7.58 -30.45 34.55
C LEU C 163 6.35 -31.34 34.65
N ILE C 164 5.66 -31.55 33.52
CA ILE C 164 4.39 -32.25 33.50
C ILE C 164 4.02 -32.55 32.05
N GLN C 165 3.20 -33.59 31.84
CA GLN C 165 2.69 -33.94 30.53
C GLN C 165 1.20 -33.62 30.45
N LEU C 166 0.80 -32.93 29.36
CA LEU C 166 -0.60 -32.65 29.07
C LEU C 166 -0.90 -33.11 27.65
N ASP C 167 -1.93 -33.96 27.51
CA ASP C 167 -2.23 -34.64 26.25
C ASP C 167 -0.96 -35.34 25.77
N ASP C 168 -0.39 -34.88 24.64
CA ASP C 168 0.75 -35.55 24.04
C ASP C 168 2.00 -34.70 24.18
N VAL C 169 1.89 -33.55 24.85
CA VAL C 169 2.98 -32.59 24.93
C VAL C 169 3.67 -32.74 26.28
N THR C 170 5.01 -32.84 26.25
CA THR C 170 5.82 -32.95 27.45
C THR C 170 6.52 -31.62 27.68
N TYR C 171 6.06 -30.88 28.71
CA TYR C 171 6.56 -29.56 29.00
C TYR C 171 7.82 -29.67 29.86
N HIS C 172 8.88 -28.98 29.43
CA HIS C 172 10.12 -28.87 30.20
C HIS C 172 10.39 -27.41 30.51
N GLY C 173 10.99 -27.15 31.68
CA GLY C 173 11.42 -25.82 32.06
C GLY C 173 12.64 -25.39 31.26
N PHE C 174 12.96 -24.09 31.30
CA PHE C 174 14.11 -23.55 30.60
C PHE C 174 15.36 -23.82 31.43
N PRO C 175 16.44 -24.40 30.84
CA PRO C 175 17.62 -24.79 31.60
C PRO C 175 18.37 -23.60 32.21
N ASN C 176 18.95 -23.83 33.39
CA ASN C 176 19.66 -22.80 34.13
C ASN C 176 21.05 -22.60 33.51
N LEU C 177 21.78 -21.60 34.01
CA LEU C 177 23.10 -21.26 33.51
C LEU C 177 24.04 -22.45 33.62
N HIS C 178 23.94 -23.20 34.73
CA HIS C 178 24.82 -24.33 35.01
C HIS C 178 24.64 -25.43 33.97
N ALA C 179 23.40 -25.61 33.50
CA ALA C 179 23.07 -26.67 32.55
C ALA C 179 23.67 -26.36 31.18
N LEU C 180 23.48 -25.12 30.71
CA LEU C 180 23.93 -24.70 29.39
C LEU C 180 25.46 -24.61 29.36
N ALA C 181 26.06 -24.19 30.48
CA ALA C 181 27.50 -24.07 30.58
C ALA C 181 28.15 -25.45 30.56
N GLU C 184 30.43 -32.35 27.31
CA GLU C 184 30.08 -31.91 25.93
C GLU C 184 28.83 -31.03 26.00
N ALA C 185 29.03 -29.78 26.44
CA ALA C 185 27.95 -28.81 26.55
C ALA C 185 27.57 -28.28 25.17
N GLU C 186 28.58 -27.84 24.42
CA GLU C 186 28.39 -27.30 23.07
C GLU C 186 28.19 -28.45 22.08
N THR C 187 28.74 -29.62 22.39
CA THR C 187 28.67 -30.78 21.51
C THR C 187 27.24 -31.30 21.43
N HIS C 188 26.58 -31.40 22.60
CA HIS C 188 25.22 -31.92 22.68
C HIS C 188 24.24 -30.94 22.05
N LEU C 189 24.49 -29.64 22.24
CA LEU C 189 23.62 -28.59 21.73
C LEU C 189 23.65 -28.56 20.20
N ARG C 190 24.80 -28.91 19.62
CA ARG C 190 24.99 -28.92 18.18
C ARG C 190 24.17 -30.03 17.53
N LYS C 191 23.91 -31.11 18.30
CA LYS C 191 23.16 -32.26 17.81
C LYS C 191 21.77 -31.84 17.34
N LEU C 192 21.15 -30.89 18.06
CA LEU C 192 19.81 -30.43 17.76
C LEU C 192 19.81 -29.70 16.42
N GLY C 193 20.60 -28.61 16.34
CA GLY C 193 20.69 -27.81 15.14
C GLY C 193 20.97 -26.34 15.46
N LEU C 194 22.26 -26.00 15.59
CA LEU C 194 22.69 -24.65 15.91
C LEU C 194 23.96 -24.32 15.13
N GLY C 195 25.02 -25.10 15.37
CA GLY C 195 26.29 -24.93 14.69
C GLY C 195 27.18 -23.91 15.41
N TYR C 196 27.23 -22.69 14.86
CA TYR C 196 28.04 -21.62 15.42
C TYR C 196 27.38 -21.06 16.68
N ARG C 197 26.04 -21.12 16.73
CA ARG C 197 25.27 -20.57 17.84
C ARG C 197 25.48 -21.40 19.11
N ALA C 198 25.71 -22.71 18.94
CA ALA C 198 25.83 -23.63 20.06
C ALA C 198 26.98 -23.23 20.98
N ARG C 199 28.08 -22.74 20.39
CA ARG C 199 29.27 -22.36 21.14
C ARG C 199 29.01 -21.10 21.96
N TYR C 200 28.22 -20.18 21.41
CA TYR C 200 27.97 -18.89 22.05
C TYR C 200 27.11 -19.04 23.30
N VAL C 201 26.23 -20.06 23.30
CA VAL C 201 25.34 -20.31 24.43
C VAL C 201 26.17 -20.75 25.63
N ARG C 202 27.25 -21.50 25.38
CA ARG C 202 28.14 -21.97 26.43
C ARG C 202 28.76 -20.78 27.16
N ALA C 203 29.16 -19.76 26.39
CA ALA C 203 29.73 -18.55 26.95
C ALA C 203 28.63 -17.72 27.63
N TRP C 217 23.33 -11.20 38.13
CA TRP C 217 24.07 -10.53 37.02
C TRP C 217 23.09 -9.78 36.12
N LEU C 218 22.15 -10.53 35.53
CA LEU C 218 21.20 -9.98 34.59
C LEU C 218 20.08 -9.27 35.33
N GLN C 219 19.91 -9.58 36.62
CA GLN C 219 18.96 -8.89 37.48
C GLN C 219 19.44 -7.46 37.76
N GLN C 220 20.77 -7.26 37.73
CA GLN C 220 21.38 -5.97 37.97
C GLN C 220 21.17 -5.04 36.78
N LEU C 221 21.06 -5.61 35.58
CA LEU C 221 20.95 -4.84 34.35
C LEU C 221 19.57 -4.18 34.27
N ARG C 222 18.57 -4.78 34.93
CA ARG C 222 17.24 -4.19 35.02
C ARG C 222 17.27 -2.95 35.90
N VAL C 223 18.19 -2.93 36.88
CA VAL C 223 18.36 -1.81 37.78
C VAL C 223 19.10 -0.68 37.07
N ALA C 224 20.21 -1.03 36.40
CA ALA C 224 21.07 -0.05 35.73
C ALA C 224 20.37 0.54 34.51
N PRO C 225 20.81 1.72 34.02
CA PRO C 225 20.14 2.40 32.92
C PRO C 225 20.31 1.71 31.56
N TYR C 226 19.55 2.19 30.57
CA TYR C 226 19.43 1.54 29.27
C TYR C 226 20.78 1.51 28.54
N GLU C 227 21.45 2.66 28.47
CA GLU C 227 22.70 2.79 27.73
C GLU C 227 23.74 1.81 28.26
N GLU C 228 23.83 1.72 29.59
CA GLU C 228 24.75 0.81 30.25
C GLU C 228 24.33 -0.63 30.02
N ALA C 229 23.02 -0.89 30.14
CA ALA C 229 22.46 -2.23 30.02
C ALA C 229 22.70 -2.78 28.61
N HIS C 230 22.49 -1.94 27.59
CA HIS C 230 22.68 -2.32 26.21
C HIS C 230 24.16 -2.60 25.95
N LYS C 231 25.03 -1.70 26.42
CA LYS C 231 26.46 -1.82 26.26
C LYS C 231 26.99 -3.06 26.98
N ALA C 232 26.34 -3.40 28.12
CA ALA C 232 26.74 -4.55 28.93
C ALA C 232 26.43 -5.85 28.21
N LEU C 233 25.25 -5.92 27.57
CA LEU C 233 24.82 -7.11 26.84
C LEU C 233 25.76 -7.40 25.68
N CYS C 234 26.32 -6.33 25.09
CA CYS C 234 27.17 -6.45 23.91
C CYS C 234 28.51 -7.11 24.26
N THR C 235 28.85 -7.16 25.56
CA THR C 235 30.00 -7.88 26.04
C THR C 235 29.86 -9.37 25.76
N LEU C 236 28.64 -9.89 25.91
CA LEU C 236 28.36 -11.31 25.73
C LEU C 236 28.53 -11.69 24.25
N PRO C 237 29.44 -12.64 23.93
CA PRO C 237 29.61 -13.11 22.55
C PRO C 237 28.35 -13.81 22.02
N GLY C 238 28.14 -13.71 20.70
CA GLY C 238 26.98 -14.31 20.05
C GLY C 238 25.87 -13.29 19.81
N VAL C 239 25.49 -12.57 20.88
CA VAL C 239 24.46 -11.55 20.80
C VAL C 239 25.03 -10.32 20.10
N GLY C 240 24.51 -10.02 18.90
CA GLY C 240 24.95 -8.89 18.10
C GLY C 240 24.32 -7.58 18.56
N ALA C 241 23.75 -6.85 17.60
CA ALA C 241 23.15 -5.54 17.87
C ALA C 241 21.65 -5.71 18.13
N LYS C 242 20.98 -6.46 17.26
CA LYS C 242 19.53 -6.64 17.32
C LYS C 242 19.15 -7.41 18.59
N VAL C 243 19.81 -8.56 18.79
CA VAL C 243 19.47 -9.46 19.88
C VAL C 243 19.58 -8.73 21.22
N ALA C 244 20.60 -7.87 21.35
CA ALA C 244 20.81 -7.07 22.55
C ALA C 244 19.62 -6.16 22.80
N ASP C 245 19.09 -5.56 21.73
CA ASP C 245 17.94 -4.66 21.82
C ASP C 245 16.69 -5.45 22.21
N CYS C 246 16.52 -6.63 21.59
CA CYS C 246 15.38 -7.49 21.86
C CYS C 246 15.33 -7.85 23.35
N ILE C 247 16.50 -8.22 23.90
CA ILE C 247 16.61 -8.63 25.29
C ILE C 247 16.38 -7.41 26.20
N CYS C 248 16.96 -6.26 25.83
CA CYS C 248 16.79 -5.03 26.60
C CYS C 248 15.31 -4.69 26.73
N LEU C 249 14.57 -4.81 25.63
CA LEU C 249 13.18 -4.40 25.56
C LEU C 249 12.28 -5.42 26.27
N MET C 250 12.55 -6.70 26.03
CA MET C 250 11.63 -7.77 26.41
C MET C 250 11.91 -8.24 27.83
N ALA C 251 13.18 -8.43 28.18
CA ALA C 251 13.55 -8.99 29.46
C ALA C 251 13.87 -7.89 30.49
N LEU C 252 14.79 -6.98 30.13
CA LEU C 252 15.38 -6.07 31.09
C LEU C 252 14.52 -4.81 31.27
N ASP C 253 13.32 -4.78 30.67
CA ASP C 253 12.35 -3.73 30.91
C ASP C 253 12.94 -2.39 30.50
N LYS C 254 13.21 -2.25 29.19
CA LYS C 254 13.70 -1.00 28.62
C LYS C 254 12.76 -0.59 27.49
N PRO C 255 11.62 0.06 27.79
CA PRO C 255 10.64 0.44 26.76
C PRO C 255 11.20 1.24 25.57
N GLN C 256 12.30 1.96 25.78
CA GLN C 256 12.89 2.81 24.76
C GLN C 256 13.71 1.98 23.77
N ALA C 257 14.09 0.75 24.13
CA ALA C 257 14.91 -0.09 23.27
C ALA C 257 14.15 -0.44 21.99
N VAL C 258 14.89 -0.55 20.88
CA VAL C 258 14.32 -0.79 19.57
C VAL C 258 15.28 -1.68 18.76
N PRO C 259 14.96 -2.98 18.56
CA PRO C 259 15.72 -3.82 17.63
C PRO C 259 15.54 -3.38 16.18
N VAL C 260 16.65 -3.32 15.43
CA VAL C 260 16.63 -2.82 14.06
C VAL C 260 17.33 -3.83 13.16
N ASP C 261 16.55 -4.38 12.22
CA ASP C 261 17.06 -5.25 11.17
C ASP C 261 16.59 -4.71 9.82
N VAL C 262 16.54 -5.58 8.80
CA VAL C 262 16.18 -5.17 7.44
C VAL C 262 14.65 -5.03 7.33
N HIS C 263 13.91 -5.69 8.23
CA HIS C 263 12.46 -5.68 8.21
C HIS C 263 11.94 -4.29 8.59
N VAL C 264 12.42 -3.77 9.73
CA VAL C 264 11.95 -2.49 10.24
C VAL C 264 12.55 -1.35 9.41
N TRP C 265 13.72 -1.62 8.81
CA TRP C 265 14.34 -0.70 7.87
C TRP C 265 13.43 -0.48 6.67
N GLN C 266 12.74 -1.55 6.24
CA GLN C 266 11.78 -1.49 5.15
C GLN C 266 10.57 -0.66 5.55
N ILE C 267 10.08 -0.86 6.78
CA ILE C 267 8.92 -0.14 7.29
C ILE C 267 9.26 1.34 7.41
N ALA C 268 10.41 1.63 8.04
CA ALA C 268 10.85 3.00 8.26
C ALA C 268 10.92 3.76 6.93
N HIS C 269 11.51 3.12 5.92
CA HIS C 269 11.69 3.74 4.62
C HIS C 269 10.34 3.90 3.92
N ARG C 270 9.51 2.85 3.94
CA ARG C 270 8.26 2.84 3.19
C ARG C 270 7.23 3.74 3.86
N ASP C 271 7.11 3.63 5.19
CA ASP C 271 5.97 4.19 5.92
C ASP C 271 6.33 5.52 6.59
N TYR C 272 7.62 5.79 6.80
CA TYR C 272 8.05 7.03 7.43
C TYR C 272 9.03 7.81 6.55
N GLY C 273 9.33 7.30 5.34
CA GLY C 273 10.19 8.00 4.41
C GLY C 273 11.58 8.27 4.99
N TRP C 274 12.10 7.33 5.78
CA TRP C 274 13.37 7.52 6.46
C TRP C 274 14.54 7.11 5.55
N HIS C 275 15.58 7.94 5.55
CA HIS C 275 16.89 7.58 5.00
C HIS C 275 17.94 7.98 6.04
N PRO C 276 19.12 7.34 6.06
CA PRO C 276 20.19 7.73 7.00
C PRO C 276 20.60 9.18 6.77
N LYS C 277 20.36 10.03 7.79
CA LYS C 277 20.59 11.46 7.70
C LYS C 277 22.09 11.76 7.66
N THR C 278 22.90 10.85 8.20
CA THR C 278 24.35 10.96 8.15
C THR C 278 24.84 10.84 6.71
N SER C 279 24.08 10.10 5.88
CA SER C 279 24.36 9.94 4.47
C SER C 279 25.62 9.09 4.27
N GLN C 280 25.58 7.88 4.84
CA GLN C 280 26.69 6.95 4.77
C GLN C 280 26.62 6.17 3.46
N ALA C 281 25.51 5.46 3.25
CA ALA C 281 25.32 4.62 2.08
C ALA C 281 23.83 4.43 1.80
N LYS C 282 23.53 3.73 0.71
CA LYS C 282 22.15 3.46 0.30
C LYS C 282 21.57 2.34 1.16
N GLY C 283 22.27 1.19 1.19
CA GLY C 283 21.80 0.02 1.91
C GLY C 283 22.02 0.15 3.43
N PRO C 284 21.59 -0.87 4.22
CA PRO C 284 21.75 -0.81 5.68
C PRO C 284 23.19 -0.95 6.15
N SER C 285 23.40 -0.70 7.45
CA SER C 285 24.72 -0.79 8.07
C SER C 285 24.58 -0.70 9.58
N PRO C 286 25.64 -1.02 10.37
CA PRO C 286 25.60 -0.90 11.83
C PRO C 286 25.19 0.49 12.33
N LEU C 287 25.77 1.54 11.72
CA LEU C 287 25.53 2.91 12.14
C LEU C 287 24.13 3.34 11.70
N ALA C 288 23.73 2.94 10.49
CA ALA C 288 22.41 3.24 9.96
C ALA C 288 21.33 2.61 10.84
N ASN C 289 21.56 1.35 11.24
CA ASN C 289 20.64 0.62 12.10
C ASN C 289 20.63 1.23 13.50
N LYS C 290 21.79 1.73 13.95
CA LYS C 290 21.89 2.43 15.22
C LYS C 290 21.15 3.76 15.15
N GLU C 291 21.20 4.40 13.98
CA GLU C 291 20.60 5.72 13.78
C GLU C 291 19.08 5.60 13.72
N LEU C 292 18.58 4.53 13.10
CA LEU C 292 17.14 4.33 12.93
C LEU C 292 16.50 4.05 14.29
N GLY C 293 17.24 3.38 15.17
CA GLY C 293 16.80 3.17 16.55
C GLY C 293 16.56 4.50 17.27
N ASN C 294 17.50 5.43 17.11
CA ASN C 294 17.40 6.75 17.73
C ASN C 294 16.22 7.52 17.14
N PHE C 295 16.01 7.40 15.82
CA PHE C 295 14.93 8.08 15.14
C PHE C 295 13.59 7.76 15.79
N PHE C 296 13.33 6.46 15.99
CA PHE C 296 12.05 6.00 16.52
C PHE C 296 11.87 6.42 17.97
N ARG C 297 12.96 6.37 18.75
CA ARG C 297 12.93 6.79 20.15
C ARG C 297 12.43 8.23 20.26
N ASN C 298 12.94 9.11 19.39
N ASN C 298 12.93 9.11 19.38
CA ASN C 298 12.61 10.53 19.42
CA ASN C 298 12.61 10.54 19.43
C ASN C 298 11.16 10.75 19.00
C ASN C 298 11.17 10.79 18.95
N LEU C 299 10.67 9.93 18.06
CA LEU C 299 9.33 10.06 17.53
C LEU C 299 8.29 9.56 18.54
N TRP C 300 8.47 8.34 19.02
CA TRP C 300 7.48 7.69 19.87
C TRP C 300 7.66 8.11 21.33
N GLY C 301 8.91 8.21 21.79
CA GLY C 301 9.21 8.72 23.12
C GLY C 301 9.80 7.64 24.02
N PRO C 302 9.39 7.58 25.31
CA PRO C 302 9.97 6.62 26.26
C PRO C 302 9.62 5.17 25.95
N TYR C 303 8.36 4.92 25.57
CA TYR C 303 7.92 3.60 25.16
C TYR C 303 8.03 3.47 23.63
N ALA C 304 9.26 3.29 23.15
CA ALA C 304 9.55 3.27 21.72
C ALA C 304 9.37 1.86 21.17
N GLY C 305 10.00 0.88 21.85
CA GLY C 305 9.94 -0.51 21.44
C GLY C 305 8.53 -1.10 21.54
N TRP C 306 7.72 -0.53 22.44
CA TRP C 306 6.34 -0.94 22.62
C TRP C 306 5.52 -0.55 21.38
N ALA C 307 5.83 0.63 20.82
CA ALA C 307 5.19 1.10 19.60
C ALA C 307 5.60 0.24 18.41
N GLN C 308 6.91 -0.10 18.38
CA GLN C 308 7.45 -0.95 17.33
C GLN C 308 6.72 -2.29 17.28
N ALA C 309 6.49 -2.88 18.47
CA ALA C 309 5.85 -4.18 18.59
C ALA C 309 4.45 -4.16 18.01
N VAL C 310 3.76 -3.01 18.10
CA VAL C 310 2.44 -2.87 17.53
C VAL C 310 2.53 -2.94 16.01
N LEU C 311 3.54 -2.27 15.44
CA LEU C 311 3.73 -2.21 14.01
C LEU C 311 4.27 -3.54 13.48
N PHE C 312 5.03 -4.26 14.31
CA PHE C 312 5.44 -5.62 14.01
C PHE C 312 4.21 -6.50 13.83
N SER C 313 3.25 -6.39 14.77
CA SER C 313 2.06 -7.21 14.78
C SER C 313 1.13 -6.85 13.63
N ALA C 314 1.17 -5.58 13.20
CA ALA C 314 0.33 -5.11 12.10
C ALA C 314 0.93 -5.51 10.75
N ASP C 315 2.24 -5.77 10.72
CA ASP C 315 2.93 -6.14 9.50
C ASP C 315 2.55 -7.57 9.11
N LEU C 316 2.44 -8.46 10.10
CA LEU C 316 2.09 -9.85 9.87
C LEU C 316 0.63 -9.95 9.42
N ARG C 317 -0.29 -9.51 10.28
CA ARG C 317 -1.72 -9.59 10.01
C ARG C 317 -2.16 -8.35 9.23
C10 R4U D . -8.04 18.78 -0.76
C13 R4U D . -3.44 18.39 2.80
N01 R4U D . -7.55 18.91 6.50
C02 R4U D . -6.55 18.80 5.46
N03 R4U D . -6.89 18.99 4.18
C04 R4U D . -5.98 18.89 3.21
N05 R4U D . -6.36 19.11 1.81
C06 R4U D . -6.18 18.07 0.83
C07 R4U D . -5.15 18.51 -0.22
C08 R4U D . -5.70 19.61 -1.11
C09 R4U D . -6.99 19.20 -1.79
C11 R4U D . -7.53 17.71 0.20
C12 R4U D . -4.64 18.57 3.54
N14 R4U D . -2.47 18.10 3.66
N15 R4U D . -2.98 18.09 4.92
C16 R4U D . -4.31 18.37 4.86
N17 R4U D . -5.30 18.50 5.80
NI NI E . 13.64 6.54 -0.63
C1 GOL F . 18.50 -2.19 -1.27
O1 GOL F . 19.56 -1.30 -1.60
C2 GOL F . 18.90 -3.17 -0.18
O2 GOL F . 17.91 -4.19 -0.06
C3 GOL F . 20.27 -3.79 -0.43
O3 GOL F . 20.43 -5.00 0.31
#